data_1XAK
# 
_entry.id   1XAK 
# 
_audit_conform.dict_name       mmcif_pdbx.dic 
_audit_conform.dict_version    5.397 
_audit_conform.dict_location   http://mmcif.pdb.org/dictionaries/ascii/mmcif_pdbx.dic 
# 
loop_
_database_2.database_id 
_database_2.database_code 
_database_2.pdbx_database_accession 
_database_2.pdbx_DOI 
PDB   1XAK         pdb_00001xak 10.2210/pdb1xak/pdb 
RCSB  RCSB030142   ?            ?                   
WWPDB D_1000030142 ?            ?                   
# 
loop_
_pdbx_audit_revision_history.ordinal 
_pdbx_audit_revision_history.data_content_type 
_pdbx_audit_revision_history.major_revision 
_pdbx_audit_revision_history.minor_revision 
_pdbx_audit_revision_history.revision_date 
1 'Structure model' 1 0 2004-10-05 
2 'Structure model' 1 1 2008-04-30 
3 'Structure model' 1 2 2011-07-13 
4 'Structure model' 1 3 2024-10-30 
# 
_pdbx_audit_revision_details.ordinal             1 
_pdbx_audit_revision_details.revision_ordinal    1 
_pdbx_audit_revision_details.data_content_type   'Structure model' 
_pdbx_audit_revision_details.provider            repository 
_pdbx_audit_revision_details.type                'Initial release' 
_pdbx_audit_revision_details.description         ? 
_pdbx_audit_revision_details.details             ? 
# 
loop_
_pdbx_audit_revision_group.ordinal 
_pdbx_audit_revision_group.revision_ordinal 
_pdbx_audit_revision_group.data_content_type 
_pdbx_audit_revision_group.group 
1 2 'Structure model' 'Version format compliance' 
2 3 'Structure model' 'Version format compliance' 
3 4 'Structure model' 'Data collection'           
4 4 'Structure model' 'Database references'       
5 4 'Structure model' 'Structure summary'         
# 
loop_
_pdbx_audit_revision_category.ordinal 
_pdbx_audit_revision_category.revision_ordinal 
_pdbx_audit_revision_category.data_content_type 
_pdbx_audit_revision_category.category 
1 4 'Structure model' chem_comp_atom            
2 4 'Structure model' chem_comp_bond            
3 4 'Structure model' database_2                
4 4 'Structure model' pdbx_entry_details        
5 4 'Structure model' pdbx_modification_feature 
6 4 'Structure model' struct_ref_seq_dif        
# 
loop_
_pdbx_audit_revision_item.ordinal 
_pdbx_audit_revision_item.revision_ordinal 
_pdbx_audit_revision_item.data_content_type 
_pdbx_audit_revision_item.item 
1 4 'Structure model' '_database_2.pdbx_DOI'                
2 4 'Structure model' '_database_2.pdbx_database_accession' 
3 4 'Structure model' '_struct_ref_seq_dif.details'         
# 
_pdbx_database_status.status_code                     REL 
_pdbx_database_status.entry_id                        1XAK 
_pdbx_database_status.recvd_initial_deposition_date   2004-08-26 
_pdbx_database_status.deposit_site                    RCSB 
_pdbx_database_status.process_site                    RCSB 
_pdbx_database_status.SG_entry                        Y 
_pdbx_database_status.status_code_sf                  REL 
_pdbx_database_status.status_code_mr                  ? 
_pdbx_database_status.pdb_format_compatible           Y 
_pdbx_database_status.status_code_cs                  ? 
_pdbx_database_status.status_code_nmr_data            ? 
_pdbx_database_status.methods_development_category    ? 
# 
_pdbx_database_related.db_name        TargetDB 
_pdbx_database_related.db_id          APC35380 
_pdbx_database_related.details        . 
_pdbx_database_related.content_type   unspecified 
# 
loop_
_audit_author.name 
_audit_author.pdbx_ordinal 
'Nelson, C.A.'                                  1 
'Lee, C.A.'                                     2 
'Fremont, D.H.'                                 3 
'Midwest Center for Structural Genomics (MCSG)' 4 
# 
_citation.id                        primary 
_citation.title                     'Structure and intracellular targeting of the SARS-coronavirus Orf7a accessory protein.' 
_citation.journal_abbrev            Structure 
_citation.journal_volume            13 
_citation.page_first                75 
_citation.page_last                 85 
_citation.year                      2005 
_citation.journal_id_ASTM           STRUE6 
_citation.country                   UK 
_citation.journal_id_ISSN           0969-2126 
_citation.journal_id_CSD            2005 
_citation.book_publisher            ? 
_citation.pdbx_database_id_PubMed   15642263 
_citation.pdbx_database_id_DOI      10.1016/j.str.2004.10.010 
# 
loop_
_citation_author.citation_id 
_citation_author.name 
_citation_author.ordinal 
_citation_author.identifier_ORCID 
primary 'Nelson, C.A.'  1 ? 
primary 'Pekosz, A.'    2 ? 
primary 'Lee, C.A.'     3 ? 
primary 'Diamond, M.S.' 4 ? 
primary 'Fremont, D.H.' 5 ? 
# 
loop_
_entity.id 
_entity.type 
_entity.src_method 
_entity.pdbx_description 
_entity.formula_weight 
_entity.pdbx_number_of_molecules 
_entity.pdbx_ec 
_entity.pdbx_mutation 
_entity.pdbx_fragment 
_entity.details 
1 polymer man 'SARS ORF7A ACCESSORY PROTEIN' 9424.540 1   ? ? 'N-TERMINAL ECTODOMAIN (residues 14-96)' ? 
2 water   nat water                          18.015   142 ? ? ?                                        ? 
# 
_entity_poly.entity_id                      1 
_entity_poly.type                           'polypeptide(L)' 
_entity_poly.nstd_linkage                   no 
_entity_poly.nstd_monomer                   no 
_entity_poly.pdbx_seq_one_letter_code       
;SCELYHYQECVRGTTVILKEPCPSGTYEGNSPFHPLADNKFALTCTSTHFAFACADGTRHTYQLRARSVSPKLFIRQEEV
QQE
;
_entity_poly.pdbx_seq_one_letter_code_can   
;SCELYHYQECVRGTTVILKEPCPSGTYEGNSPFHPLADNKFALTCTSTHFAFACADGTRHTYQLRARSVSPKLFIRQEEV
QQE
;
_entity_poly.pdbx_strand_id                 A 
_entity_poly.pdbx_target_identifier         APC35380 
# 
_pdbx_entity_nonpoly.entity_id   2 
_pdbx_entity_nonpoly.name        water 
_pdbx_entity_nonpoly.comp_id     HOH 
# 
loop_
_entity_poly_seq.entity_id 
_entity_poly_seq.num 
_entity_poly_seq.mon_id 
_entity_poly_seq.hetero 
1 1  SER n 
1 2  CYS n 
1 3  GLU n 
1 4  LEU n 
1 5  TYR n 
1 6  HIS n 
1 7  TYR n 
1 8  GLN n 
1 9  GLU n 
1 10 CYS n 
1 11 VAL n 
1 12 ARG n 
1 13 GLY n 
1 14 THR n 
1 15 THR n 
1 16 VAL n 
1 17 ILE n 
1 18 LEU n 
1 19 LYS n 
1 20 GLU n 
1 21 PRO n 
1 22 CYS n 
1 23 PRO n 
1 24 SER n 
1 25 GLY n 
1 26 THR n 
1 27 TYR n 
1 28 GLU n 
1 29 GLY n 
1 30 ASN n 
1 31 SER n 
1 32 PRO n 
1 33 PHE n 
1 34 HIS n 
1 35 PRO n 
1 36 LEU n 
1 37 ALA n 
1 38 ASP n 
1 39 ASN n 
1 40 LYS n 
1 41 PHE n 
1 42 ALA n 
1 43 LEU n 
1 44 THR n 
1 45 CYS n 
1 46 THR n 
1 47 SER n 
1 48 THR n 
1 49 HIS n 
1 50 PHE n 
1 51 ALA n 
1 52 PHE n 
1 53 ALA n 
1 54 CYS n 
1 55 ALA n 
1 56 ASP n 
1 57 GLY n 
1 58 THR n 
1 59 ARG n 
1 60 HIS n 
1 61 THR n 
1 62 TYR n 
1 63 GLN n 
1 64 LEU n 
1 65 ARG n 
1 66 ALA n 
1 67 ARG n 
1 68 SER n 
1 69 VAL n 
1 70 SER n 
1 71 PRO n 
1 72 LYS n 
1 73 LEU n 
1 74 PHE n 
1 75 ILE n 
1 76 ARG n 
1 77 GLN n 
1 78 GLU n 
1 79 GLU n 
1 80 VAL n 
1 81 GLN n 
1 82 GLN n 
1 83 GLU n 
# 
_entity_src_gen.entity_id                          1 
_entity_src_gen.pdbx_src_id                        1 
_entity_src_gen.pdbx_alt_source_flag               sample 
_entity_src_gen.pdbx_seq_type                      ? 
_entity_src_gen.pdbx_beg_seq_num                   ? 
_entity_src_gen.pdbx_end_seq_num                   ? 
_entity_src_gen.gene_src_common_name               ? 
_entity_src_gen.gene_src_genus                     Coronavirus 
_entity_src_gen.pdbx_gene_src_gene                 ? 
_entity_src_gen.gene_src_species                   ? 
_entity_src_gen.gene_src_strain                    ? 
_entity_src_gen.gene_src_tissue                    ? 
_entity_src_gen.gene_src_tissue_fraction           ? 
_entity_src_gen.gene_src_details                   ? 
_entity_src_gen.pdbx_gene_src_fragment             ? 
_entity_src_gen.pdbx_gene_src_scientific_name      'SARS coronavirus' 
_entity_src_gen.pdbx_gene_src_ncbi_taxonomy_id     227859 
_entity_src_gen.pdbx_gene_src_variant              ? 
_entity_src_gen.pdbx_gene_src_cell_line            ? 
_entity_src_gen.pdbx_gene_src_atcc                 ? 
_entity_src_gen.pdbx_gene_src_organ                ? 
_entity_src_gen.pdbx_gene_src_organelle            ? 
_entity_src_gen.pdbx_gene_src_cell                 ? 
_entity_src_gen.pdbx_gene_src_cellular_location    ? 
_entity_src_gen.host_org_common_name               ? 
_entity_src_gen.pdbx_host_org_scientific_name      'Escherichia coli' 
_entity_src_gen.pdbx_host_org_ncbi_taxonomy_id     562 
_entity_src_gen.host_org_genus                     Escherichia 
_entity_src_gen.pdbx_host_org_gene                 ? 
_entity_src_gen.pdbx_host_org_organ                ? 
_entity_src_gen.host_org_species                   ? 
_entity_src_gen.pdbx_host_org_tissue               ? 
_entity_src_gen.pdbx_host_org_tissue_fraction      ? 
_entity_src_gen.pdbx_host_org_strain               'BL21(DE3)RIL codon (+) E.coli cells (Stratagene)' 
_entity_src_gen.pdbx_host_org_variant              ? 
_entity_src_gen.pdbx_host_org_cell_line            ? 
_entity_src_gen.pdbx_host_org_atcc                 ? 
_entity_src_gen.pdbx_host_org_culture_collection   ? 
_entity_src_gen.pdbx_host_org_cell                 ? 
_entity_src_gen.pdbx_host_org_organelle            ? 
_entity_src_gen.pdbx_host_org_cellular_location    ? 
_entity_src_gen.pdbx_host_org_vector_type          PLASMID 
_entity_src_gen.pdbx_host_org_vector               ? 
_entity_src_gen.host_org_details                   ? 
_entity_src_gen.expression_system_id               ? 
_entity_src_gen.plasmid_name                       'pET-21a (EMD Biosciences)' 
_entity_src_gen.plasmid_details                    ? 
_entity_src_gen.pdbx_description                   ? 
# 
loop_
_chem_comp.id 
_chem_comp.type 
_chem_comp.mon_nstd_flag 
_chem_comp.name 
_chem_comp.pdbx_synonyms 
_chem_comp.formula 
_chem_comp.formula_weight 
ALA 'L-peptide linking' y ALANINE         ? 'C3 H7 N O2'     89.093  
ARG 'L-peptide linking' y ARGININE        ? 'C6 H15 N4 O2 1' 175.209 
ASN 'L-peptide linking' y ASPARAGINE      ? 'C4 H8 N2 O3'    132.118 
ASP 'L-peptide linking' y 'ASPARTIC ACID' ? 'C4 H7 N O4'     133.103 
CYS 'L-peptide linking' y CYSTEINE        ? 'C3 H7 N O2 S'   121.158 
GLN 'L-peptide linking' y GLUTAMINE       ? 'C5 H10 N2 O3'   146.144 
GLU 'L-peptide linking' y 'GLUTAMIC ACID' ? 'C5 H9 N O4'     147.129 
GLY 'peptide linking'   y GLYCINE         ? 'C2 H5 N O2'     75.067  
HIS 'L-peptide linking' y HISTIDINE       ? 'C6 H10 N3 O2 1' 156.162 
HOH non-polymer         . WATER           ? 'H2 O'           18.015  
ILE 'L-peptide linking' y ISOLEUCINE      ? 'C6 H13 N O2'    131.173 
LEU 'L-peptide linking' y LEUCINE         ? 'C6 H13 N O2'    131.173 
LYS 'L-peptide linking' y LYSINE          ? 'C6 H15 N2 O2 1' 147.195 
PHE 'L-peptide linking' y PHENYLALANINE   ? 'C9 H11 N O2'    165.189 
PRO 'L-peptide linking' y PROLINE         ? 'C5 H9 N O2'     115.130 
SER 'L-peptide linking' y SERINE          ? 'C3 H7 N O3'     105.093 
THR 'L-peptide linking' y THREONINE       ? 'C4 H9 N O3'     119.119 
TYR 'L-peptide linking' y TYROSINE        ? 'C9 H11 N O3'    181.189 
VAL 'L-peptide linking' y VALINE          ? 'C5 H11 N O2'    117.146 
# 
loop_
_pdbx_poly_seq_scheme.asym_id 
_pdbx_poly_seq_scheme.entity_id 
_pdbx_poly_seq_scheme.seq_id 
_pdbx_poly_seq_scheme.mon_id 
_pdbx_poly_seq_scheme.ndb_seq_num 
_pdbx_poly_seq_scheme.pdb_seq_num 
_pdbx_poly_seq_scheme.auth_seq_num 
_pdbx_poly_seq_scheme.pdb_mon_id 
_pdbx_poly_seq_scheme.auth_mon_id 
_pdbx_poly_seq_scheme.pdb_strand_id 
_pdbx_poly_seq_scheme.pdb_ins_code 
_pdbx_poly_seq_scheme.hetero 
A 1 1  SER 1  -2 ?  ?   ?   A . n 
A 1 2  CYS 2  -1 -1 CYS CYS A . n 
A 1 3  GLU 3  1  1  GLU GLU A . n 
A 1 4  LEU 4  2  2  LEU LEU A . n 
A 1 5  TYR 5  3  3  TYR TYR A . n 
A 1 6  HIS 6  4  4  HIS HIS A . n 
A 1 7  TYR 7  5  5  TYR TYR A . n 
A 1 8  GLN 8  6  6  GLN GLN A . n 
A 1 9  GLU 9  7  7  GLU GLU A . n 
A 1 10 CYS 10 8  8  CYS CYS A . n 
A 1 11 VAL 11 9  9  VAL VAL A . n 
A 1 12 ARG 12 10 10 ARG ARG A . n 
A 1 13 GLY 13 11 11 GLY GLY A . n 
A 1 14 THR 14 12 12 THR THR A . n 
A 1 15 THR 15 13 13 THR THR A . n 
A 1 16 VAL 16 14 14 VAL VAL A . n 
A 1 17 ILE 17 15 15 ILE ILE A . n 
A 1 18 LEU 18 16 16 LEU LEU A . n 
A 1 19 LYS 19 17 17 LYS LYS A . n 
A 1 20 GLU 20 18 18 GLU GLU A . n 
A 1 21 PRO 21 19 19 PRO PRO A . n 
A 1 22 CYS 22 20 20 CYS CYS A . n 
A 1 23 PRO 23 21 21 PRO PRO A . n 
A 1 24 SER 24 22 22 SER SER A . n 
A 1 25 GLY 25 23 23 GLY GLY A . n 
A 1 26 THR 26 24 24 THR THR A . n 
A 1 27 TYR 27 25 25 TYR TYR A . n 
A 1 28 GLU 28 26 26 GLU GLU A . n 
A 1 29 GLY 29 27 27 GLY GLY A . n 
A 1 30 ASN 30 28 28 ASN ASN A . n 
A 1 31 SER 31 29 29 SER SER A . n 
A 1 32 PRO 32 30 30 PRO PRO A . n 
A 1 33 PHE 33 31 31 PHE PHE A . n 
A 1 34 HIS 34 32 32 HIS HIS A . n 
A 1 35 PRO 35 33 33 PRO PRO A . n 
A 1 36 LEU 36 34 34 LEU LEU A . n 
A 1 37 ALA 37 35 35 ALA ALA A . n 
A 1 38 ASP 38 36 36 ASP ASP A . n 
A 1 39 ASN 39 37 37 ASN ASN A . n 
A 1 40 LYS 40 38 38 LYS LYS A . n 
A 1 41 PHE 41 39 39 PHE PHE A . n 
A 1 42 ALA 42 40 40 ALA ALA A . n 
A 1 43 LEU 43 41 41 LEU LEU A . n 
A 1 44 THR 44 42 42 THR THR A . n 
A 1 45 CYS 45 43 43 CYS CYS A . n 
A 1 46 THR 46 44 44 THR THR A . n 
A 1 47 SER 47 45 45 SER SER A . n 
A 1 48 THR 48 46 46 THR THR A . n 
A 1 49 HIS 49 47 47 HIS HIS A . n 
A 1 50 PHE 50 48 48 PHE PHE A . n 
A 1 51 ALA 51 49 49 ALA ALA A . n 
A 1 52 PHE 52 50 50 PHE PHE A . n 
A 1 53 ALA 53 51 51 ALA ALA A . n 
A 1 54 CYS 54 52 52 CYS CYS A . n 
A 1 55 ALA 55 53 53 ALA ALA A . n 
A 1 56 ASP 56 54 54 ASP ASP A . n 
A 1 57 GLY 57 55 55 GLY GLY A . n 
A 1 58 THR 58 56 56 THR THR A . n 
A 1 59 ARG 59 57 57 ARG ARG A . n 
A 1 60 HIS 60 58 58 HIS HIS A . n 
A 1 61 THR 61 59 59 THR THR A . n 
A 1 62 TYR 62 60 60 TYR TYR A . n 
A 1 63 GLN 63 61 61 GLN GLN A . n 
A 1 64 LEU 64 62 62 LEU LEU A . n 
A 1 65 ARG 65 63 63 ARG ARG A . n 
A 1 66 ALA 66 64 64 ALA ALA A . n 
A 1 67 ARG 67 65 65 ARG ARG A . n 
A 1 68 SER 68 66 66 SER SER A . n 
A 1 69 VAL 69 67 67 VAL VAL A . n 
A 1 70 SER 70 68 ?  ?   ?   A . n 
A 1 71 PRO 71 69 ?  ?   ?   A . n 
A 1 72 LYS 72 70 ?  ?   ?   A . n 
A 1 73 LEU 73 71 ?  ?   ?   A . n 
A 1 74 PHE 74 72 ?  ?   ?   A . n 
A 1 75 ILE 75 73 ?  ?   ?   A . n 
A 1 76 ARG 76 74 ?  ?   ?   A . n 
A 1 77 GLN 77 75 ?  ?   ?   A . n 
A 1 78 GLU 78 76 ?  ?   ?   A . n 
A 1 79 GLU 79 77 ?  ?   ?   A . n 
A 1 80 VAL 80 78 ?  ?   ?   A . n 
A 1 81 GLN 81 79 ?  ?   ?   A . n 
A 1 82 GLN 82 80 ?  ?   ?   A . n 
A 1 83 GLU 83 81 ?  ?   ?   A . n 
# 
loop_
_pdbx_nonpoly_scheme.asym_id 
_pdbx_nonpoly_scheme.entity_id 
_pdbx_nonpoly_scheme.mon_id 
_pdbx_nonpoly_scheme.ndb_seq_num 
_pdbx_nonpoly_scheme.pdb_seq_num 
_pdbx_nonpoly_scheme.auth_seq_num 
_pdbx_nonpoly_scheme.pdb_mon_id 
_pdbx_nonpoly_scheme.auth_mon_id 
_pdbx_nonpoly_scheme.pdb_strand_id 
_pdbx_nonpoly_scheme.pdb_ins_code 
B 2 HOH 1   100 100 HOH HOH A . 
B 2 HOH 2   101 101 HOH HOH A . 
B 2 HOH 3   102 102 HOH HOH A . 
B 2 HOH 4   103 103 HOH HOH A . 
B 2 HOH 5   104 104 HOH HOH A . 
B 2 HOH 6   105 105 HOH HOH A . 
B 2 HOH 7   106 106 HOH HOH A . 
B 2 HOH 8   107 107 HOH HOH A . 
B 2 HOH 9   108 108 HOH HOH A . 
B 2 HOH 10  109 109 HOH HOH A . 
B 2 HOH 11  110 110 HOH HOH A . 
B 2 HOH 12  111 111 HOH HOH A . 
B 2 HOH 13  112 112 HOH HOH A . 
B 2 HOH 14  113 113 HOH HOH A . 
B 2 HOH 15  114 114 HOH HOH A . 
B 2 HOH 16  115 115 HOH HOH A . 
B 2 HOH 17  116 116 HOH HOH A . 
B 2 HOH 18  117 117 HOH HOH A . 
B 2 HOH 19  118 118 HOH HOH A . 
B 2 HOH 20  119 119 HOH HOH A . 
B 2 HOH 21  120 120 HOH HOH A . 
B 2 HOH 22  121 121 HOH HOH A . 
B 2 HOH 23  122 122 HOH HOH A . 
B 2 HOH 24  123 123 HOH HOH A . 
B 2 HOH 25  124 124 HOH HOH A . 
B 2 HOH 26  125 125 HOH HOH A . 
B 2 HOH 27  126 126 HOH HOH A . 
B 2 HOH 28  127 127 HOH HOH A . 
B 2 HOH 29  128 128 HOH HOH A . 
B 2 HOH 30  129 129 HOH HOH A . 
B 2 HOH 31  130 130 HOH HOH A . 
B 2 HOH 32  131 131 HOH HOH A . 
B 2 HOH 33  132 132 HOH HOH A . 
B 2 HOH 34  133 133 HOH HOH A . 
B 2 HOH 35  134 134 HOH HOH A . 
B 2 HOH 36  135 135 HOH HOH A . 
B 2 HOH 37  136 136 HOH HOH A . 
B 2 HOH 38  137 137 HOH HOH A . 
B 2 HOH 39  138 138 HOH HOH A . 
B 2 HOH 40  139 139 HOH HOH A . 
B 2 HOH 41  140 140 HOH HOH A . 
B 2 HOH 42  141 141 HOH HOH A . 
B 2 HOH 43  142 142 HOH HOH A . 
B 2 HOH 44  143 143 HOH HOH A . 
B 2 HOH 45  144 144 HOH HOH A . 
B 2 HOH 46  145 145 HOH HOH A . 
B 2 HOH 47  146 146 HOH HOH A . 
B 2 HOH 48  147 147 HOH HOH A . 
B 2 HOH 49  148 148 HOH HOH A . 
B 2 HOH 50  149 149 HOH HOH A . 
B 2 HOH 51  150 150 HOH HOH A . 
B 2 HOH 52  151 151 HOH HOH A . 
B 2 HOH 53  152 152 HOH HOH A . 
B 2 HOH 54  153 153 HOH HOH A . 
B 2 HOH 55  154 154 HOH HOH A . 
B 2 HOH 56  155 155 HOH HOH A . 
B 2 HOH 57  156 156 HOH HOH A . 
B 2 HOH 58  157 157 HOH HOH A . 
B 2 HOH 59  158 158 HOH HOH A . 
B 2 HOH 60  159 159 HOH HOH A . 
B 2 HOH 61  160 160 HOH HOH A . 
B 2 HOH 62  161 161 HOH HOH A . 
B 2 HOH 63  162 162 HOH HOH A . 
B 2 HOH 64  163 163 HOH HOH A . 
B 2 HOH 65  164 164 HOH HOH A . 
B 2 HOH 66  165 165 HOH HOH A . 
B 2 HOH 67  166 166 HOH HOH A . 
B 2 HOH 68  167 167 HOH HOH A . 
B 2 HOH 69  168 168 HOH HOH A . 
B 2 HOH 70  169 169 HOH HOH A . 
B 2 HOH 71  170 170 HOH HOH A . 
B 2 HOH 72  171 171 HOH HOH A . 
B 2 HOH 73  172 172 HOH HOH A . 
B 2 HOH 74  173 173 HOH HOH A . 
B 2 HOH 75  174 174 HOH HOH A . 
B 2 HOH 76  175 175 HOH HOH A . 
B 2 HOH 77  176 176 HOH HOH A . 
B 2 HOH 78  177 177 HOH HOH A . 
B 2 HOH 79  178 178 HOH HOH A . 
B 2 HOH 80  179 179 HOH HOH A . 
B 2 HOH 81  180 180 HOH HOH A . 
B 2 HOH 82  181 181 HOH HOH A . 
B 2 HOH 83  182 182 HOH HOH A . 
B 2 HOH 84  183 183 HOH HOH A . 
B 2 HOH 85  184 184 HOH HOH A . 
B 2 HOH 86  185 185 HOH HOH A . 
B 2 HOH 87  186 186 HOH HOH A . 
B 2 HOH 88  187 187 HOH HOH A . 
B 2 HOH 89  188 188 HOH HOH A . 
B 2 HOH 90  189 189 HOH HOH A . 
B 2 HOH 91  190 190 HOH HOH A . 
B 2 HOH 92  191 191 HOH HOH A . 
B 2 HOH 93  192 192 HOH HOH A . 
B 2 HOH 94  193 193 HOH HOH A . 
B 2 HOH 95  194 194 HOH HOH A . 
B 2 HOH 96  195 195 HOH HOH A . 
B 2 HOH 97  196 196 HOH HOH A . 
B 2 HOH 98  197 197 HOH HOH A . 
B 2 HOH 99  198 198 HOH HOH A . 
B 2 HOH 100 199 199 HOH HOH A . 
B 2 HOH 101 200 200 HOH HOH A . 
B 2 HOH 102 201 201 HOH HOH A . 
B 2 HOH 103 202 202 HOH HOH A . 
B 2 HOH 104 203 203 HOH HOH A . 
B 2 HOH 105 204 204 HOH HOH A . 
B 2 HOH 106 205 205 HOH HOH A . 
B 2 HOH 107 206 206 HOH HOH A . 
B 2 HOH 108 207 207 HOH HOH A . 
B 2 HOH 109 208 208 HOH HOH A . 
B 2 HOH 110 209 209 HOH HOH A . 
B 2 HOH 111 210 210 HOH HOH A . 
B 2 HOH 112 211 211 HOH HOH A . 
B 2 HOH 113 212 212 HOH HOH A . 
B 2 HOH 114 213 213 HOH HOH A . 
B 2 HOH 115 214 214 HOH HOH A . 
B 2 HOH 116 215 215 HOH HOH A . 
B 2 HOH 117 216 216 HOH HOH A . 
B 2 HOH 118 217 217 HOH HOH A . 
B 2 HOH 119 218 218 HOH HOH A . 
B 2 HOH 120 219 219 HOH HOH A . 
B 2 HOH 121 220 220 HOH HOH A . 
B 2 HOH 122 221 221 HOH HOH A . 
B 2 HOH 123 222 222 HOH HOH A . 
B 2 HOH 124 223 223 HOH HOH A . 
B 2 HOH 125 224 224 HOH HOH A . 
B 2 HOH 126 225 225 HOH HOH A . 
B 2 HOH 127 226 226 HOH HOH A . 
B 2 HOH 128 227 227 HOH HOH A . 
B 2 HOH 129 228 228 HOH HOH A . 
B 2 HOH 130 229 229 HOH HOH A . 
B 2 HOH 131 230 230 HOH HOH A . 
B 2 HOH 132 231 231 HOH HOH A . 
B 2 HOH 133 232 232 HOH HOH A . 
B 2 HOH 134 233 233 HOH HOH A . 
B 2 HOH 135 234 234 HOH HOH A . 
B 2 HOH 136 235 235 HOH HOH A . 
B 2 HOH 137 236 236 HOH HOH A . 
B 2 HOH 138 237 237 HOH HOH A . 
B 2 HOH 139 238 238 HOH HOH A . 
B 2 HOH 140 239 239 HOH HOH A . 
B 2 HOH 141 240 240 HOH HOH A . 
B 2 HOH 142 241 241 HOH HOH A . 
# 
loop_
_software.name 
_software.classification 
_software.version 
_software.citation_id 
_software.pdbx_ordinal 
CNS       refinement       1.1 ? 1 
HKL-2000  'data reduction' .   ? 2 
SCALEPACK 'data scaling'   .   ? 3 
SOLVE     phasing          .   ? 4 
# 
_cell.entry_id           1XAK 
_cell.length_a           37.100 
_cell.length_b           37.100 
_cell.length_c           55.330 
_cell.angle_alpha        90.00 
_cell.angle_beta         90.00 
_cell.angle_gamma        120.00 
_cell.Z_PDB              3 
_cell.pdbx_unique_axis   ? 
# 
_symmetry.entry_id                         1XAK 
_symmetry.space_group_name_H-M             'P 31' 
_symmetry.pdbx_full_space_group_name_H-M   ? 
_symmetry.cell_setting                     ? 
_symmetry.Int_Tables_number                144 
_symmetry.space_group_name_Hall            ? 
# 
_exptl.entry_id          1XAK 
_exptl.method            'X-RAY DIFFRACTION' 
_exptl.crystals_number   1 
# 
_exptl_crystal.id                    1 
_exptl_crystal.density_meas          ? 
_exptl_crystal.density_Matthews      2.34 
_exptl_crystal.density_percent_sol   47.34 
_exptl_crystal.description           ? 
_exptl_crystal.F_000                 ? 
_exptl_crystal.preparation           ? 
# 
_exptl_crystal_grow.crystal_id      1 
_exptl_crystal_grow.method          'VAPOR DIFFUSION, HANGING DROP' 
_exptl_crystal_grow.temp            293.15 
_exptl_crystal_grow.temp_details    ? 
_exptl_crystal_grow.pH              5.35 
_exptl_crystal_grow.pdbx_details    
'16% PEG 400, 100 mM sodium acetate, pH 5.35, VAPOR DIFFUSION, HANGING DROP, temperature 293.15K' 
_exptl_crystal_grow.pdbx_pH_range   . 
# 
_diffrn.id                     1 
_diffrn.ambient_temp           110 
_diffrn.ambient_temp_details   ? 
_diffrn.crystal_id             1 
# 
_diffrn_detector.diffrn_id              1 
_diffrn_detector.detector               CCD 
_diffrn_detector.type                   'ADSC QUANTUM 4' 
_diffrn_detector.pdbx_collection_date   2003-11-09 
_diffrn_detector.details                ? 
# 
_diffrn_radiation.diffrn_id                        1 
_diffrn_radiation.wavelength_id                    1 
_diffrn_radiation.pdbx_monochromatic_or_laue_m_l   M 
_diffrn_radiation.monochromator                    ? 
_diffrn_radiation.pdbx_diffrn_protocol             'SINGLE WAVELENGTH' 
_diffrn_radiation.pdbx_scattering_type             x-ray 
# 
_diffrn_radiation_wavelength.id           1 
_diffrn_radiation_wavelength.wavelength   0.90000 
_diffrn_radiation_wavelength.wt           1.0 
# 
_diffrn_source.diffrn_id                   1 
_diffrn_source.source                      SYNCHROTRON 
_diffrn_source.type                        'APS BEAMLINE 14-BM-D' 
_diffrn_source.pdbx_synchrotron_site       APS 
_diffrn_source.pdbx_synchrotron_beamline   14-BM-D 
_diffrn_source.pdbx_wavelength             ? 
_diffrn_source.pdbx_wavelength_list        0.90000 
# 
_reflns.entry_id                     1XAK 
_reflns.observed_criterion_sigma_I   2 
_reflns.observed_criterion_sigma_F   2 
_reflns.d_resolution_low             20 
_reflns.d_resolution_high            1.8 
_reflns.number_obs                   7744 
_reflns.number_all                   ? 
_reflns.percent_possible_obs         98.7 
_reflns.pdbx_Rmerge_I_obs            ? 
_reflns.pdbx_Rsym_value              0.047 
_reflns.pdbx_netI_over_sigmaI        34.9 
_reflns.B_iso_Wilson_estimate        18.0 
_reflns.pdbx_redundancy              7.2 
_reflns.R_free_details               ? 
_reflns.limit_h_max                  ? 
_reflns.limit_h_min                  ? 
_reflns.limit_k_max                  ? 
_reflns.limit_k_min                  ? 
_reflns.limit_l_max                  ? 
_reflns.limit_l_min                  ? 
_reflns.observed_criterion_F_max     ? 
_reflns.observed_criterion_F_min     ? 
_reflns.pdbx_chi_squared             ? 
_reflns.pdbx_scaling_rejects         ? 
_reflns.pdbx_diffrn_id               1 
_reflns.pdbx_ordinal                 1 
# 
_reflns_shell.d_res_high             1.8 
_reflns_shell.d_res_low              1.88 
_reflns_shell.percent_possible_all   100 
_reflns_shell.Rmerge_I_obs           ? 
_reflns_shell.pdbx_Rsym_value        0.297 
_reflns_shell.meanI_over_sigI_obs    5.2 
_reflns_shell.pdbx_redundancy        ? 
_reflns_shell.percent_possible_obs   ? 
_reflns_shell.number_unique_all      ? 
_reflns_shell.number_measured_all    ? 
_reflns_shell.number_measured_obs    ? 
_reflns_shell.number_unique_obs      ? 
_reflns_shell.pdbx_chi_squared       ? 
_reflns_shell.pdbx_diffrn_id         ? 
_reflns_shell.pdbx_ordinal           1 
# 
_refine.entry_id                                 1XAK 
_refine.ls_number_reflns_obs                     7741 
_refine.ls_number_reflns_all                     ? 
_refine.pdbx_ls_sigma_I                          ? 
_refine.pdbx_ls_sigma_F                          0.0 
_refine.pdbx_data_cutoff_high_absF               768789.82 
_refine.pdbx_data_cutoff_low_absF                0.000000 
_refine.pdbx_data_cutoff_high_rms_absF           ? 
_refine.ls_d_res_low                             18.55 
_refine.ls_d_res_high                            1.80 
_refine.ls_percent_reflns_obs                    98.1 
_refine.ls_R_factor_obs                          0.223 
_refine.ls_R_factor_all                          ? 
_refine.ls_R_factor_R_work                       0.223 
_refine.ls_R_factor_R_free                       0.275 
_refine.ls_R_factor_R_free_error                 0.013 
_refine.ls_R_factor_R_free_error_details         ? 
_refine.ls_percent_reflns_R_free                 5.5 
_refine.ls_number_reflns_R_free                  422 
_refine.ls_number_parameters                     ? 
_refine.ls_number_restraints                     ? 
_refine.occupancy_min                            ? 
_refine.occupancy_max                            ? 
_refine.correlation_coeff_Fo_to_Fc               ? 
_refine.correlation_coeff_Fo_to_Fc_free          ? 
_refine.B_iso_mean                               42.9 
_refine.aniso_B[1][1]                            1.61 
_refine.aniso_B[2][2]                            1.61 
_refine.aniso_B[3][3]                            -3.23 
_refine.aniso_B[1][2]                            2.38 
_refine.aniso_B[1][3]                            0.00 
_refine.aniso_B[2][3]                            0.00 
_refine.solvent_model_details                    'FLAT MODEL' 
_refine.solvent_model_param_ksol                 0.375932 
_refine.solvent_model_param_bsol                 93.0056 
_refine.pdbx_solvent_vdw_probe_radii             ? 
_refine.pdbx_solvent_ion_probe_radii             ? 
_refine.pdbx_solvent_shrinkage_radii             ? 
_refine.pdbx_ls_cross_valid_method               THROUGHOUT 
_refine.details                                  ? 
_refine.pdbx_starting_model                      ? 
_refine.pdbx_method_to_determine_struct          MIR 
_refine.pdbx_isotropic_thermal_model             RESTRAINED 
_refine.pdbx_stereochemistry_target_values       'Engh & Huber' 
_refine.pdbx_stereochem_target_val_spec_case     ? 
_refine.pdbx_R_Free_selection_details            RANDOM 
_refine.pdbx_overall_ESU_R                       ? 
_refine.pdbx_overall_ESU_R_Free                  ? 
_refine.overall_SU_ML                            ? 
_refine.overall_SU_B                             ? 
_refine.ls_redundancy_reflns_obs                 ? 
_refine.B_iso_min                                ? 
_refine.B_iso_max                                ? 
_refine.overall_SU_R_Cruickshank_DPI             ? 
_refine.overall_SU_R_free                        ? 
_refine.ls_wR_factor_R_free                      ? 
_refine.ls_wR_factor_R_work                      ? 
_refine.overall_FOM_free_R_set                   ? 
_refine.overall_FOM_work_R_set                   ? 
_refine.pdbx_refine_id                           'X-RAY DIFFRACTION' 
_refine.pdbx_diffrn_id                           1 
_refine.pdbx_TLS_residual_ADP_flag               ? 
_refine.pdbx_overall_phase_error                 ? 
_refine.pdbx_overall_SU_R_free_Cruickshank_DPI   ? 
_refine.pdbx_overall_SU_R_Blow_DPI               ? 
_refine.pdbx_overall_SU_R_free_Blow_DPI          ? 
# 
_refine_analyze.entry_id                        1XAK 
_refine_analyze.Luzzati_coordinate_error_obs    0.24 
_refine_analyze.Luzzati_sigma_a_obs             0.23 
_refine_analyze.Luzzati_d_res_low_obs           5.00 
_refine_analyze.Luzzati_coordinate_error_free   0.32 
_refine_analyze.Luzzati_sigma_a_free            0.22 
_refine_analyze.Luzzati_d_res_low_free          ? 
_refine_analyze.number_disordered_residues      ? 
_refine_analyze.occupancy_sum_hydrogen          ? 
_refine_analyze.occupancy_sum_non_hydrogen      ? 
_refine_analyze.pdbx_Luzzati_d_res_high_obs     ? 
_refine_analyze.pdbx_refine_id                  'X-RAY DIFFRACTION' 
# 
_refine_hist.pdbx_refine_id                   'X-RAY DIFFRACTION' 
_refine_hist.cycle_id                         LAST 
_refine_hist.pdbx_number_atoms_protein        533 
_refine_hist.pdbx_number_atoms_nucleic_acid   0 
_refine_hist.pdbx_number_atoms_ligand         0 
_refine_hist.number_atoms_solvent             142 
_refine_hist.number_atoms_total               675 
_refine_hist.d_res_high                       1.80 
_refine_hist.d_res_low                        18.55 
# 
loop_
_refine_ls_restr.type 
_refine_ls_restr.dev_ideal 
_refine_ls_restr.dev_ideal_target 
_refine_ls_restr.weight 
_refine_ls_restr.number 
_refine_ls_restr.pdbx_refine_id 
_refine_ls_restr.pdbx_restraint_function 
c_bond_d           0.005 ? ? ? 'X-RAY DIFFRACTION' ? 
c_angle_deg        1.3   ? ? ? 'X-RAY DIFFRACTION' ? 
c_dihedral_angle_d 25.8  ? ? ? 'X-RAY DIFFRACTION' ? 
c_improper_angle_d 0.69  ? ? ? 'X-RAY DIFFRACTION' ? 
# 
_refine_ls_shell.pdbx_total_number_of_bins_used   6 
_refine_ls_shell.d_res_high                       1.80 
_refine_ls_shell.d_res_low                        1.91 
_refine_ls_shell.number_reflns_R_work             1198 
_refine_ls_shell.R_factor_R_work                  0.291 
_refine_ls_shell.percent_reflns_obs               97.5 
_refine_ls_shell.R_factor_R_free                  0.335 
_refine_ls_shell.R_factor_R_free_error            0.038 
_refine_ls_shell.percent_reflns_R_free            6.1 
_refine_ls_shell.number_reflns_R_free             78 
_refine_ls_shell.number_reflns_obs                984 
_refine_ls_shell.redundancy_reflns_obs            ? 
_refine_ls_shell.number_reflns_all                ? 
_refine_ls_shell.pdbx_refine_id                   'X-RAY DIFFRACTION' 
_refine_ls_shell.R_factor_all                     ? 
# 
loop_
_pdbx_xplor_file.serial_no 
_pdbx_xplor_file.param_file 
_pdbx_xplor_file.topol_file 
_pdbx_xplor_file.pdbx_refine_id 
1 PROTEIN_REP.PARAM PROTEIN.TOP 'X-RAY DIFFRACTION' 
2 WATER_REP.PARAM   ?           'X-RAY DIFFRACTION' 
# 
_struct.entry_id                  1XAK 
_struct.title                     'STRUCTURE OF THE SARS-CORONAVIRUS ORF7A ACCESSORY PROTEIN' 
_struct.pdbx_model_details        ? 
_struct.pdbx_CASP_flag            ? 
_struct.pdbx_model_type_details   ? 
# 
_struct_keywords.entry_id        1XAK 
_struct_keywords.pdbx_keywords   'VIRAL PROTEIN' 
_struct_keywords.text            
;I-SET IG DOMAIN, BETA SANDWICH, Structural Genomics, PSI, Protein Structure Initiative, Midwest Center for Structural Genomics, MCSG, Viral protein
;
# 
loop_
_struct_asym.id 
_struct_asym.pdbx_blank_PDB_chainid_flag 
_struct_asym.pdbx_modified 
_struct_asym.entity_id 
_struct_asym.details 
A N N 1 ? 
B N N 2 ? 
# 
_struct_ref.id                         1 
_struct_ref.db_name                    UNP 
_struct_ref.db_code                    YX4_CVHSA 
_struct_ref.pdbx_db_accession          P59635 
_struct_ref.entity_id                  1 
_struct_ref.pdbx_seq_one_letter_code   
;SCELYHYQECVRGTTVLLKEPCPSGTYEGNSPFHPLADNKFALTCTSTHFAFACADGTRHTYQLRARSVSPKLFIRQEEV
QQE
;
_struct_ref.pdbx_align_begin           14 
_struct_ref.pdbx_db_isoform            ? 
# 
_struct_ref_seq.align_id                      1 
_struct_ref_seq.ref_id                        1 
_struct_ref_seq.pdbx_PDB_id_code              1XAK 
_struct_ref_seq.pdbx_strand_id                A 
_struct_ref_seq.seq_align_beg                 1 
_struct_ref_seq.pdbx_seq_align_beg_ins_code   ? 
_struct_ref_seq.seq_align_end                 83 
_struct_ref_seq.pdbx_seq_align_end_ins_code   ? 
_struct_ref_seq.pdbx_db_accession             P59635 
_struct_ref_seq.db_align_beg                  14 
_struct_ref_seq.pdbx_db_align_beg_ins_code    ? 
_struct_ref_seq.db_align_end                  96 
_struct_ref_seq.pdbx_db_align_end_ins_code    ? 
_struct_ref_seq.pdbx_auth_seq_align_beg       -2 
_struct_ref_seq.pdbx_auth_seq_align_end       81 
# 
_struct_ref_seq_dif.align_id                     1 
_struct_ref_seq_dif.pdbx_pdb_id_code             1XAK 
_struct_ref_seq_dif.mon_id                       ILE 
_struct_ref_seq_dif.pdbx_pdb_strand_id           A 
_struct_ref_seq_dif.seq_num                      17 
_struct_ref_seq_dif.pdbx_pdb_ins_code            ? 
_struct_ref_seq_dif.pdbx_seq_db_name             UNP 
_struct_ref_seq_dif.pdbx_seq_db_accession_code   P59635 
_struct_ref_seq_dif.db_mon_id                    LEU 
_struct_ref_seq_dif.pdbx_seq_db_seq_num          30 
_struct_ref_seq_dif.details                      conflict 
_struct_ref_seq_dif.pdbx_auth_seq_num            15 
_struct_ref_seq_dif.pdbx_ordinal                 1 
# 
_pdbx_struct_assembly.id                   1 
_pdbx_struct_assembly.details              author_defined_assembly 
_pdbx_struct_assembly.method_details       ? 
_pdbx_struct_assembly.oligomeric_details   monomeric 
_pdbx_struct_assembly.oligomeric_count     1 
# 
_pdbx_struct_assembly_gen.assembly_id       1 
_pdbx_struct_assembly_gen.oper_expression   1 
_pdbx_struct_assembly_gen.asym_id_list      A,B 
# 
_pdbx_struct_oper_list.id                   1 
_pdbx_struct_oper_list.type                 'identity operation' 
_pdbx_struct_oper_list.name                 1_555 
_pdbx_struct_oper_list.symmetry_operation   x,y,z 
_pdbx_struct_oper_list.matrix[1][1]         1.0000000000 
_pdbx_struct_oper_list.matrix[1][2]         0.0000000000 
_pdbx_struct_oper_list.matrix[1][3]         0.0000000000 
_pdbx_struct_oper_list.vector[1]            0.0000000000 
_pdbx_struct_oper_list.matrix[2][1]         0.0000000000 
_pdbx_struct_oper_list.matrix[2][2]         1.0000000000 
_pdbx_struct_oper_list.matrix[2][3]         0.0000000000 
_pdbx_struct_oper_list.vector[2]            0.0000000000 
_pdbx_struct_oper_list.matrix[3][1]         0.0000000000 
_pdbx_struct_oper_list.matrix[3][2]         0.0000000000 
_pdbx_struct_oper_list.matrix[3][3]         1.0000000000 
_pdbx_struct_oper_list.vector[3]            0.0000000000 
# 
_struct_biol.id                    1 
_struct_biol.pdbx_parent_biol_id   ? 
_struct_biol.details               ? 
# 
loop_
_struct_conn.id 
_struct_conn.conn_type_id 
_struct_conn.pdbx_leaving_atom_flag 
_struct_conn.pdbx_PDB_id 
_struct_conn.ptnr1_label_asym_id 
_struct_conn.ptnr1_label_comp_id 
_struct_conn.ptnr1_label_seq_id 
_struct_conn.ptnr1_label_atom_id 
_struct_conn.pdbx_ptnr1_label_alt_id 
_struct_conn.pdbx_ptnr1_PDB_ins_code 
_struct_conn.pdbx_ptnr1_standard_comp_id 
_struct_conn.ptnr1_symmetry 
_struct_conn.ptnr2_label_asym_id 
_struct_conn.ptnr2_label_comp_id 
_struct_conn.ptnr2_label_seq_id 
_struct_conn.ptnr2_label_atom_id 
_struct_conn.pdbx_ptnr2_label_alt_id 
_struct_conn.pdbx_ptnr2_PDB_ins_code 
_struct_conn.ptnr1_auth_asym_id 
_struct_conn.ptnr1_auth_comp_id 
_struct_conn.ptnr1_auth_seq_id 
_struct_conn.ptnr2_auth_asym_id 
_struct_conn.ptnr2_auth_comp_id 
_struct_conn.ptnr2_auth_seq_id 
_struct_conn.ptnr2_symmetry 
_struct_conn.pdbx_ptnr3_label_atom_id 
_struct_conn.pdbx_ptnr3_label_seq_id 
_struct_conn.pdbx_ptnr3_label_comp_id 
_struct_conn.pdbx_ptnr3_label_asym_id 
_struct_conn.pdbx_ptnr3_label_alt_id 
_struct_conn.pdbx_ptnr3_PDB_ins_code 
_struct_conn.details 
_struct_conn.pdbx_dist_value 
_struct_conn.pdbx_value_order 
_struct_conn.pdbx_role 
disulf1 disulf ? ? A CYS 10 SG ? ? ? 1_555 A CYS 45 SG ? ? A CYS 8  A CYS 43 1_555 ? ? ? ? ? ? ? 2.027 ? ? 
disulf2 disulf ? ? A CYS 22 SG ? ? ? 1_555 A CYS 54 SG ? ? A CYS 20 A CYS 52 1_555 ? ? ? ? ? ? ? 2.030 ? ? 
# 
_struct_conn_type.id          disulf 
_struct_conn_type.criteria    ? 
_struct_conn_type.reference   ? 
# 
loop_
_pdbx_modification_feature.ordinal 
_pdbx_modification_feature.label_comp_id 
_pdbx_modification_feature.label_asym_id 
_pdbx_modification_feature.label_seq_id 
_pdbx_modification_feature.label_alt_id 
_pdbx_modification_feature.modified_residue_label_comp_id 
_pdbx_modification_feature.modified_residue_label_asym_id 
_pdbx_modification_feature.modified_residue_label_seq_id 
_pdbx_modification_feature.modified_residue_label_alt_id 
_pdbx_modification_feature.auth_comp_id 
_pdbx_modification_feature.auth_asym_id 
_pdbx_modification_feature.auth_seq_id 
_pdbx_modification_feature.PDB_ins_code 
_pdbx_modification_feature.symmetry 
_pdbx_modification_feature.modified_residue_auth_comp_id 
_pdbx_modification_feature.modified_residue_auth_asym_id 
_pdbx_modification_feature.modified_residue_auth_seq_id 
_pdbx_modification_feature.modified_residue_PDB_ins_code 
_pdbx_modification_feature.modified_residue_symmetry 
_pdbx_modification_feature.comp_id_linking_atom 
_pdbx_modification_feature.modified_residue_id_linking_atom 
_pdbx_modification_feature.modified_residue_id 
_pdbx_modification_feature.ref_pcm_id 
_pdbx_modification_feature.ref_comp_id 
_pdbx_modification_feature.type 
_pdbx_modification_feature.category 
1 CYS A 10 ? CYS A 45 ? CYS A 8  ? 1_555 CYS A 43 ? 1_555 SG SG . . . None 'Disulfide bridge' 
2 CYS A 22 ? CYS A 54 ? CYS A 20 ? 1_555 CYS A 52 ? 1_555 SG SG . . . None 'Disulfide bridge' 
# 
loop_
_struct_sheet.id 
_struct_sheet.type 
_struct_sheet.number_strands 
_struct_sheet.details 
A ? 4 ? 
B ? 3 ? 
# 
loop_
_struct_sheet_order.sheet_id 
_struct_sheet_order.range_id_1 
_struct_sheet_order.range_id_2 
_struct_sheet_order.offset 
_struct_sheet_order.sense 
A 1 2 ? parallel      
A 2 3 ? anti-parallel 
A 3 4 ? anti-parallel 
B 1 2 ? anti-parallel 
B 2 3 ? anti-parallel 
# 
loop_
_struct_sheet_range.sheet_id 
_struct_sheet_range.id 
_struct_sheet_range.beg_label_comp_id 
_struct_sheet_range.beg_label_asym_id 
_struct_sheet_range.beg_label_seq_id 
_struct_sheet_range.pdbx_beg_PDB_ins_code 
_struct_sheet_range.end_label_comp_id 
_struct_sheet_range.end_label_asym_id 
_struct_sheet_range.end_label_seq_id 
_struct_sheet_range.pdbx_end_PDB_ins_code 
_struct_sheet_range.beg_auth_comp_id 
_struct_sheet_range.beg_auth_asym_id 
_struct_sheet_range.beg_auth_seq_id 
_struct_sheet_range.end_auth_comp_id 
_struct_sheet_range.end_auth_asym_id 
_struct_sheet_range.end_auth_seq_id 
A 1 GLU A 3  ? VAL A 11 ? GLU A 1  VAL A 9  
A 2 ARG A 59 ? ARG A 67 ? ARG A 57 ARG A 65 
A 3 THR A 48 ? ALA A 53 ? THR A 46 ALA A 51 
A 4 THR A 26 ? GLY A 29 ? THR A 24 GLY A 27 
B 1 THR A 15 ? LYS A 19 ? THR A 13 LYS A 17 
B 2 LYS A 40 ? THR A 44 ? LYS A 38 THR A 42 
B 3 PRO A 35 ? LEU A 36 ? PRO A 33 LEU A 34 
# 
loop_
_pdbx_struct_sheet_hbond.sheet_id 
_pdbx_struct_sheet_hbond.range_id_1 
_pdbx_struct_sheet_hbond.range_id_2 
_pdbx_struct_sheet_hbond.range_1_label_atom_id 
_pdbx_struct_sheet_hbond.range_1_label_comp_id 
_pdbx_struct_sheet_hbond.range_1_label_asym_id 
_pdbx_struct_sheet_hbond.range_1_label_seq_id 
_pdbx_struct_sheet_hbond.range_1_PDB_ins_code 
_pdbx_struct_sheet_hbond.range_1_auth_atom_id 
_pdbx_struct_sheet_hbond.range_1_auth_comp_id 
_pdbx_struct_sheet_hbond.range_1_auth_asym_id 
_pdbx_struct_sheet_hbond.range_1_auth_seq_id 
_pdbx_struct_sheet_hbond.range_2_label_atom_id 
_pdbx_struct_sheet_hbond.range_2_label_comp_id 
_pdbx_struct_sheet_hbond.range_2_label_asym_id 
_pdbx_struct_sheet_hbond.range_2_label_seq_id 
_pdbx_struct_sheet_hbond.range_2_PDB_ins_code 
_pdbx_struct_sheet_hbond.range_2_auth_atom_id 
_pdbx_struct_sheet_hbond.range_2_auth_comp_id 
_pdbx_struct_sheet_hbond.range_2_auth_asym_id 
_pdbx_struct_sheet_hbond.range_2_auth_seq_id 
A 1 2 N HIS A 6  ? N HIS A 4  O THR A 61 ? O THR A 59 
A 2 3 O TYR A 62 ? O TYR A 60 N PHE A 50 ? N PHE A 48 
A 3 4 O ALA A 51 ? O ALA A 49 N GLU A 28 ? N GLU A 26 
B 1 2 N VAL A 16 ? N VAL A 14 O LEU A 43 ? O LEU A 41 
B 2 3 O LYS A 40 ? O LYS A 38 N LEU A 36 ? N LEU A 34 
# 
_pdbx_entry_details.entry_id                   1XAK 
_pdbx_entry_details.compound_details           ? 
_pdbx_entry_details.source_details             ? 
_pdbx_entry_details.nonpolymer_details         ? 
_pdbx_entry_details.sequence_details           ? 
_pdbx_entry_details.has_ligand_of_interest     ? 
_pdbx_entry_details.has_protein_modification   Y 
# 
loop_
_pdbx_validate_torsion.id 
_pdbx_validate_torsion.PDB_model_num 
_pdbx_validate_torsion.auth_comp_id 
_pdbx_validate_torsion.auth_asym_id 
_pdbx_validate_torsion.auth_seq_id 
_pdbx_validate_torsion.PDB_ins_code 
_pdbx_validate_torsion.label_alt_id 
_pdbx_validate_torsion.phi 
_pdbx_validate_torsion.psi 
1 1 SER A 22 ? ? 37.06 53.06 
2 1 ASP A 36 ? ? 73.96 35.48 
# 
_pdbx_SG_project.id                    1 
_pdbx_SG_project.project_name          'PSI, Protein Structure Initiative' 
_pdbx_SG_project.full_name_of_center   'Midwest Center for Structural Genomics' 
_pdbx_SG_project.initial_of_center     MCSG 
# 
loop_
_pdbx_unobs_or_zero_occ_residues.id 
_pdbx_unobs_or_zero_occ_residues.PDB_model_num 
_pdbx_unobs_or_zero_occ_residues.polymer_flag 
_pdbx_unobs_or_zero_occ_residues.occupancy_flag 
_pdbx_unobs_or_zero_occ_residues.auth_asym_id 
_pdbx_unobs_or_zero_occ_residues.auth_comp_id 
_pdbx_unobs_or_zero_occ_residues.auth_seq_id 
_pdbx_unobs_or_zero_occ_residues.PDB_ins_code 
_pdbx_unobs_or_zero_occ_residues.label_asym_id 
_pdbx_unobs_or_zero_occ_residues.label_comp_id 
_pdbx_unobs_or_zero_occ_residues.label_seq_id 
1  1 Y 1 A SER -2 ? A SER 1  
2  1 Y 1 A SER 68 ? A SER 70 
3  1 Y 1 A PRO 69 ? A PRO 71 
4  1 Y 1 A LYS 70 ? A LYS 72 
5  1 Y 1 A LEU 71 ? A LEU 73 
6  1 Y 1 A PHE 72 ? A PHE 74 
7  1 Y 1 A ILE 73 ? A ILE 75 
8  1 Y 1 A ARG 74 ? A ARG 76 
9  1 Y 1 A GLN 75 ? A GLN 77 
10 1 Y 1 A GLU 76 ? A GLU 78 
11 1 Y 1 A GLU 77 ? A GLU 79 
12 1 Y 1 A VAL 78 ? A VAL 80 
13 1 Y 1 A GLN 79 ? A GLN 81 
14 1 Y 1 A GLN 80 ? A GLN 82 
15 1 Y 1 A GLU 81 ? A GLU 83 
# 
loop_
_chem_comp_atom.comp_id 
_chem_comp_atom.atom_id 
_chem_comp_atom.type_symbol 
_chem_comp_atom.pdbx_aromatic_flag 
_chem_comp_atom.pdbx_stereo_config 
_chem_comp_atom.pdbx_ordinal 
ALA N    N N N 1   
ALA CA   C N S 2   
ALA C    C N N 3   
ALA O    O N N 4   
ALA CB   C N N 5   
ALA OXT  O N N 6   
ALA H    H N N 7   
ALA H2   H N N 8   
ALA HA   H N N 9   
ALA HB1  H N N 10  
ALA HB2  H N N 11  
ALA HB3  H N N 12  
ALA HXT  H N N 13  
ARG N    N N N 14  
ARG CA   C N S 15  
ARG C    C N N 16  
ARG O    O N N 17  
ARG CB   C N N 18  
ARG CG   C N N 19  
ARG CD   C N N 20  
ARG NE   N N N 21  
ARG CZ   C N N 22  
ARG NH1  N N N 23  
ARG NH2  N N N 24  
ARG OXT  O N N 25  
ARG H    H N N 26  
ARG H2   H N N 27  
ARG HA   H N N 28  
ARG HB2  H N N 29  
ARG HB3  H N N 30  
ARG HG2  H N N 31  
ARG HG3  H N N 32  
ARG HD2  H N N 33  
ARG HD3  H N N 34  
ARG HE   H N N 35  
ARG HH11 H N N 36  
ARG HH12 H N N 37  
ARG HH21 H N N 38  
ARG HH22 H N N 39  
ARG HXT  H N N 40  
ASN N    N N N 41  
ASN CA   C N S 42  
ASN C    C N N 43  
ASN O    O N N 44  
ASN CB   C N N 45  
ASN CG   C N N 46  
ASN OD1  O N N 47  
ASN ND2  N N N 48  
ASN OXT  O N N 49  
ASN H    H N N 50  
ASN H2   H N N 51  
ASN HA   H N N 52  
ASN HB2  H N N 53  
ASN HB3  H N N 54  
ASN HD21 H N N 55  
ASN HD22 H N N 56  
ASN HXT  H N N 57  
ASP N    N N N 58  
ASP CA   C N S 59  
ASP C    C N N 60  
ASP O    O N N 61  
ASP CB   C N N 62  
ASP CG   C N N 63  
ASP OD1  O N N 64  
ASP OD2  O N N 65  
ASP OXT  O N N 66  
ASP H    H N N 67  
ASP H2   H N N 68  
ASP HA   H N N 69  
ASP HB2  H N N 70  
ASP HB3  H N N 71  
ASP HD2  H N N 72  
ASP HXT  H N N 73  
CYS N    N N N 74  
CYS CA   C N R 75  
CYS C    C N N 76  
CYS O    O N N 77  
CYS CB   C N N 78  
CYS SG   S N N 79  
CYS OXT  O N N 80  
CYS H    H N N 81  
CYS H2   H N N 82  
CYS HA   H N N 83  
CYS HB2  H N N 84  
CYS HB3  H N N 85  
CYS HG   H N N 86  
CYS HXT  H N N 87  
GLN N    N N N 88  
GLN CA   C N S 89  
GLN C    C N N 90  
GLN O    O N N 91  
GLN CB   C N N 92  
GLN CG   C N N 93  
GLN CD   C N N 94  
GLN OE1  O N N 95  
GLN NE2  N N N 96  
GLN OXT  O N N 97  
GLN H    H N N 98  
GLN H2   H N N 99  
GLN HA   H N N 100 
GLN HB2  H N N 101 
GLN HB3  H N N 102 
GLN HG2  H N N 103 
GLN HG3  H N N 104 
GLN HE21 H N N 105 
GLN HE22 H N N 106 
GLN HXT  H N N 107 
GLU N    N N N 108 
GLU CA   C N S 109 
GLU C    C N N 110 
GLU O    O N N 111 
GLU CB   C N N 112 
GLU CG   C N N 113 
GLU CD   C N N 114 
GLU OE1  O N N 115 
GLU OE2  O N N 116 
GLU OXT  O N N 117 
GLU H    H N N 118 
GLU H2   H N N 119 
GLU HA   H N N 120 
GLU HB2  H N N 121 
GLU HB3  H N N 122 
GLU HG2  H N N 123 
GLU HG3  H N N 124 
GLU HE2  H N N 125 
GLU HXT  H N N 126 
GLY N    N N N 127 
GLY CA   C N N 128 
GLY C    C N N 129 
GLY O    O N N 130 
GLY OXT  O N N 131 
GLY H    H N N 132 
GLY H2   H N N 133 
GLY HA2  H N N 134 
GLY HA3  H N N 135 
GLY HXT  H N N 136 
HIS N    N N N 137 
HIS CA   C N S 138 
HIS C    C N N 139 
HIS O    O N N 140 
HIS CB   C N N 141 
HIS CG   C Y N 142 
HIS ND1  N Y N 143 
HIS CD2  C Y N 144 
HIS CE1  C Y N 145 
HIS NE2  N Y N 146 
HIS OXT  O N N 147 
HIS H    H N N 148 
HIS H2   H N N 149 
HIS HA   H N N 150 
HIS HB2  H N N 151 
HIS HB3  H N N 152 
HIS HD1  H N N 153 
HIS HD2  H N N 154 
HIS HE1  H N N 155 
HIS HE2  H N N 156 
HIS HXT  H N N 157 
HOH O    O N N 158 
HOH H1   H N N 159 
HOH H2   H N N 160 
ILE N    N N N 161 
ILE CA   C N S 162 
ILE C    C N N 163 
ILE O    O N N 164 
ILE CB   C N S 165 
ILE CG1  C N N 166 
ILE CG2  C N N 167 
ILE CD1  C N N 168 
ILE OXT  O N N 169 
ILE H    H N N 170 
ILE H2   H N N 171 
ILE HA   H N N 172 
ILE HB   H N N 173 
ILE HG12 H N N 174 
ILE HG13 H N N 175 
ILE HG21 H N N 176 
ILE HG22 H N N 177 
ILE HG23 H N N 178 
ILE HD11 H N N 179 
ILE HD12 H N N 180 
ILE HD13 H N N 181 
ILE HXT  H N N 182 
LEU N    N N N 183 
LEU CA   C N S 184 
LEU C    C N N 185 
LEU O    O N N 186 
LEU CB   C N N 187 
LEU CG   C N N 188 
LEU CD1  C N N 189 
LEU CD2  C N N 190 
LEU OXT  O N N 191 
LEU H    H N N 192 
LEU H2   H N N 193 
LEU HA   H N N 194 
LEU HB2  H N N 195 
LEU HB3  H N N 196 
LEU HG   H N N 197 
LEU HD11 H N N 198 
LEU HD12 H N N 199 
LEU HD13 H N N 200 
LEU HD21 H N N 201 
LEU HD22 H N N 202 
LEU HD23 H N N 203 
LEU HXT  H N N 204 
LYS N    N N N 205 
LYS CA   C N S 206 
LYS C    C N N 207 
LYS O    O N N 208 
LYS CB   C N N 209 
LYS CG   C N N 210 
LYS CD   C N N 211 
LYS CE   C N N 212 
LYS NZ   N N N 213 
LYS OXT  O N N 214 
LYS H    H N N 215 
LYS H2   H N N 216 
LYS HA   H N N 217 
LYS HB2  H N N 218 
LYS HB3  H N N 219 
LYS HG2  H N N 220 
LYS HG3  H N N 221 
LYS HD2  H N N 222 
LYS HD3  H N N 223 
LYS HE2  H N N 224 
LYS HE3  H N N 225 
LYS HZ1  H N N 226 
LYS HZ2  H N N 227 
LYS HZ3  H N N 228 
LYS HXT  H N N 229 
PHE N    N N N 230 
PHE CA   C N S 231 
PHE C    C N N 232 
PHE O    O N N 233 
PHE CB   C N N 234 
PHE CG   C Y N 235 
PHE CD1  C Y N 236 
PHE CD2  C Y N 237 
PHE CE1  C Y N 238 
PHE CE2  C Y N 239 
PHE CZ   C Y N 240 
PHE OXT  O N N 241 
PHE H    H N N 242 
PHE H2   H N N 243 
PHE HA   H N N 244 
PHE HB2  H N N 245 
PHE HB3  H N N 246 
PHE HD1  H N N 247 
PHE HD2  H N N 248 
PHE HE1  H N N 249 
PHE HE2  H N N 250 
PHE HZ   H N N 251 
PHE HXT  H N N 252 
PRO N    N N N 253 
PRO CA   C N S 254 
PRO C    C N N 255 
PRO O    O N N 256 
PRO CB   C N N 257 
PRO CG   C N N 258 
PRO CD   C N N 259 
PRO OXT  O N N 260 
PRO H    H N N 261 
PRO HA   H N N 262 
PRO HB2  H N N 263 
PRO HB3  H N N 264 
PRO HG2  H N N 265 
PRO HG3  H N N 266 
PRO HD2  H N N 267 
PRO HD3  H N N 268 
PRO HXT  H N N 269 
SER N    N N N 270 
SER CA   C N S 271 
SER C    C N N 272 
SER O    O N N 273 
SER CB   C N N 274 
SER OG   O N N 275 
SER OXT  O N N 276 
SER H    H N N 277 
SER H2   H N N 278 
SER HA   H N N 279 
SER HB2  H N N 280 
SER HB3  H N N 281 
SER HG   H N N 282 
SER HXT  H N N 283 
THR N    N N N 284 
THR CA   C N S 285 
THR C    C N N 286 
THR O    O N N 287 
THR CB   C N R 288 
THR OG1  O N N 289 
THR CG2  C N N 290 
THR OXT  O N N 291 
THR H    H N N 292 
THR H2   H N N 293 
THR HA   H N N 294 
THR HB   H N N 295 
THR HG1  H N N 296 
THR HG21 H N N 297 
THR HG22 H N N 298 
THR HG23 H N N 299 
THR HXT  H N N 300 
TYR N    N N N 301 
TYR CA   C N S 302 
TYR C    C N N 303 
TYR O    O N N 304 
TYR CB   C N N 305 
TYR CG   C Y N 306 
TYR CD1  C Y N 307 
TYR CD2  C Y N 308 
TYR CE1  C Y N 309 
TYR CE2  C Y N 310 
TYR CZ   C Y N 311 
TYR OH   O N N 312 
TYR OXT  O N N 313 
TYR H    H N N 314 
TYR H2   H N N 315 
TYR HA   H N N 316 
TYR HB2  H N N 317 
TYR HB3  H N N 318 
TYR HD1  H N N 319 
TYR HD2  H N N 320 
TYR HE1  H N N 321 
TYR HE2  H N N 322 
TYR HH   H N N 323 
TYR HXT  H N N 324 
VAL N    N N N 325 
VAL CA   C N S 326 
VAL C    C N N 327 
VAL O    O N N 328 
VAL CB   C N N 329 
VAL CG1  C N N 330 
VAL CG2  C N N 331 
VAL OXT  O N N 332 
VAL H    H N N 333 
VAL H2   H N N 334 
VAL HA   H N N 335 
VAL HB   H N N 336 
VAL HG11 H N N 337 
VAL HG12 H N N 338 
VAL HG13 H N N 339 
VAL HG21 H N N 340 
VAL HG22 H N N 341 
VAL HG23 H N N 342 
VAL HXT  H N N 343 
# 
loop_
_chem_comp_bond.comp_id 
_chem_comp_bond.atom_id_1 
_chem_comp_bond.atom_id_2 
_chem_comp_bond.value_order 
_chem_comp_bond.pdbx_aromatic_flag 
_chem_comp_bond.pdbx_stereo_config 
_chem_comp_bond.pdbx_ordinal 
ALA N   CA   sing N N 1   
ALA N   H    sing N N 2   
ALA N   H2   sing N N 3   
ALA CA  C    sing N N 4   
ALA CA  CB   sing N N 5   
ALA CA  HA   sing N N 6   
ALA C   O    doub N N 7   
ALA C   OXT  sing N N 8   
ALA CB  HB1  sing N N 9   
ALA CB  HB2  sing N N 10  
ALA CB  HB3  sing N N 11  
ALA OXT HXT  sing N N 12  
ARG N   CA   sing N N 13  
ARG N   H    sing N N 14  
ARG N   H2   sing N N 15  
ARG CA  C    sing N N 16  
ARG CA  CB   sing N N 17  
ARG CA  HA   sing N N 18  
ARG C   O    doub N N 19  
ARG C   OXT  sing N N 20  
ARG CB  CG   sing N N 21  
ARG CB  HB2  sing N N 22  
ARG CB  HB3  sing N N 23  
ARG CG  CD   sing N N 24  
ARG CG  HG2  sing N N 25  
ARG CG  HG3  sing N N 26  
ARG CD  NE   sing N N 27  
ARG CD  HD2  sing N N 28  
ARG CD  HD3  sing N N 29  
ARG NE  CZ   sing N N 30  
ARG NE  HE   sing N N 31  
ARG CZ  NH1  sing N N 32  
ARG CZ  NH2  doub N N 33  
ARG NH1 HH11 sing N N 34  
ARG NH1 HH12 sing N N 35  
ARG NH2 HH21 sing N N 36  
ARG NH2 HH22 sing N N 37  
ARG OXT HXT  sing N N 38  
ASN N   CA   sing N N 39  
ASN N   H    sing N N 40  
ASN N   H2   sing N N 41  
ASN CA  C    sing N N 42  
ASN CA  CB   sing N N 43  
ASN CA  HA   sing N N 44  
ASN C   O    doub N N 45  
ASN C   OXT  sing N N 46  
ASN CB  CG   sing N N 47  
ASN CB  HB2  sing N N 48  
ASN CB  HB3  sing N N 49  
ASN CG  OD1  doub N N 50  
ASN CG  ND2  sing N N 51  
ASN ND2 HD21 sing N N 52  
ASN ND2 HD22 sing N N 53  
ASN OXT HXT  sing N N 54  
ASP N   CA   sing N N 55  
ASP N   H    sing N N 56  
ASP N   H2   sing N N 57  
ASP CA  C    sing N N 58  
ASP CA  CB   sing N N 59  
ASP CA  HA   sing N N 60  
ASP C   O    doub N N 61  
ASP C   OXT  sing N N 62  
ASP CB  CG   sing N N 63  
ASP CB  HB2  sing N N 64  
ASP CB  HB3  sing N N 65  
ASP CG  OD1  doub N N 66  
ASP CG  OD2  sing N N 67  
ASP OD2 HD2  sing N N 68  
ASP OXT HXT  sing N N 69  
CYS N   CA   sing N N 70  
CYS N   H    sing N N 71  
CYS N   H2   sing N N 72  
CYS CA  C    sing N N 73  
CYS CA  CB   sing N N 74  
CYS CA  HA   sing N N 75  
CYS C   O    doub N N 76  
CYS C   OXT  sing N N 77  
CYS CB  SG   sing N N 78  
CYS CB  HB2  sing N N 79  
CYS CB  HB3  sing N N 80  
CYS SG  HG   sing N N 81  
CYS OXT HXT  sing N N 82  
GLN N   CA   sing N N 83  
GLN N   H    sing N N 84  
GLN N   H2   sing N N 85  
GLN CA  C    sing N N 86  
GLN CA  CB   sing N N 87  
GLN CA  HA   sing N N 88  
GLN C   O    doub N N 89  
GLN C   OXT  sing N N 90  
GLN CB  CG   sing N N 91  
GLN CB  HB2  sing N N 92  
GLN CB  HB3  sing N N 93  
GLN CG  CD   sing N N 94  
GLN CG  HG2  sing N N 95  
GLN CG  HG3  sing N N 96  
GLN CD  OE1  doub N N 97  
GLN CD  NE2  sing N N 98  
GLN NE2 HE21 sing N N 99  
GLN NE2 HE22 sing N N 100 
GLN OXT HXT  sing N N 101 
GLU N   CA   sing N N 102 
GLU N   H    sing N N 103 
GLU N   H2   sing N N 104 
GLU CA  C    sing N N 105 
GLU CA  CB   sing N N 106 
GLU CA  HA   sing N N 107 
GLU C   O    doub N N 108 
GLU C   OXT  sing N N 109 
GLU CB  CG   sing N N 110 
GLU CB  HB2  sing N N 111 
GLU CB  HB3  sing N N 112 
GLU CG  CD   sing N N 113 
GLU CG  HG2  sing N N 114 
GLU CG  HG3  sing N N 115 
GLU CD  OE1  doub N N 116 
GLU CD  OE2  sing N N 117 
GLU OE2 HE2  sing N N 118 
GLU OXT HXT  sing N N 119 
GLY N   CA   sing N N 120 
GLY N   H    sing N N 121 
GLY N   H2   sing N N 122 
GLY CA  C    sing N N 123 
GLY CA  HA2  sing N N 124 
GLY CA  HA3  sing N N 125 
GLY C   O    doub N N 126 
GLY C   OXT  sing N N 127 
GLY OXT HXT  sing N N 128 
HIS N   CA   sing N N 129 
HIS N   H    sing N N 130 
HIS N   H2   sing N N 131 
HIS CA  C    sing N N 132 
HIS CA  CB   sing N N 133 
HIS CA  HA   sing N N 134 
HIS C   O    doub N N 135 
HIS C   OXT  sing N N 136 
HIS CB  CG   sing N N 137 
HIS CB  HB2  sing N N 138 
HIS CB  HB3  sing N N 139 
HIS CG  ND1  sing Y N 140 
HIS CG  CD2  doub Y N 141 
HIS ND1 CE1  doub Y N 142 
HIS ND1 HD1  sing N N 143 
HIS CD2 NE2  sing Y N 144 
HIS CD2 HD2  sing N N 145 
HIS CE1 NE2  sing Y N 146 
HIS CE1 HE1  sing N N 147 
HIS NE2 HE2  sing N N 148 
HIS OXT HXT  sing N N 149 
HOH O   H1   sing N N 150 
HOH O   H2   sing N N 151 
ILE N   CA   sing N N 152 
ILE N   H    sing N N 153 
ILE N   H2   sing N N 154 
ILE CA  C    sing N N 155 
ILE CA  CB   sing N N 156 
ILE CA  HA   sing N N 157 
ILE C   O    doub N N 158 
ILE C   OXT  sing N N 159 
ILE CB  CG1  sing N N 160 
ILE CB  CG2  sing N N 161 
ILE CB  HB   sing N N 162 
ILE CG1 CD1  sing N N 163 
ILE CG1 HG12 sing N N 164 
ILE CG1 HG13 sing N N 165 
ILE CG2 HG21 sing N N 166 
ILE CG2 HG22 sing N N 167 
ILE CG2 HG23 sing N N 168 
ILE CD1 HD11 sing N N 169 
ILE CD1 HD12 sing N N 170 
ILE CD1 HD13 sing N N 171 
ILE OXT HXT  sing N N 172 
LEU N   CA   sing N N 173 
LEU N   H    sing N N 174 
LEU N   H2   sing N N 175 
LEU CA  C    sing N N 176 
LEU CA  CB   sing N N 177 
LEU CA  HA   sing N N 178 
LEU C   O    doub N N 179 
LEU C   OXT  sing N N 180 
LEU CB  CG   sing N N 181 
LEU CB  HB2  sing N N 182 
LEU CB  HB3  sing N N 183 
LEU CG  CD1  sing N N 184 
LEU CG  CD2  sing N N 185 
LEU CG  HG   sing N N 186 
LEU CD1 HD11 sing N N 187 
LEU CD1 HD12 sing N N 188 
LEU CD1 HD13 sing N N 189 
LEU CD2 HD21 sing N N 190 
LEU CD2 HD22 sing N N 191 
LEU CD2 HD23 sing N N 192 
LEU OXT HXT  sing N N 193 
LYS N   CA   sing N N 194 
LYS N   H    sing N N 195 
LYS N   H2   sing N N 196 
LYS CA  C    sing N N 197 
LYS CA  CB   sing N N 198 
LYS CA  HA   sing N N 199 
LYS C   O    doub N N 200 
LYS C   OXT  sing N N 201 
LYS CB  CG   sing N N 202 
LYS CB  HB2  sing N N 203 
LYS CB  HB3  sing N N 204 
LYS CG  CD   sing N N 205 
LYS CG  HG2  sing N N 206 
LYS CG  HG3  sing N N 207 
LYS CD  CE   sing N N 208 
LYS CD  HD2  sing N N 209 
LYS CD  HD3  sing N N 210 
LYS CE  NZ   sing N N 211 
LYS CE  HE2  sing N N 212 
LYS CE  HE3  sing N N 213 
LYS NZ  HZ1  sing N N 214 
LYS NZ  HZ2  sing N N 215 
LYS NZ  HZ3  sing N N 216 
LYS OXT HXT  sing N N 217 
PHE N   CA   sing N N 218 
PHE N   H    sing N N 219 
PHE N   H2   sing N N 220 
PHE CA  C    sing N N 221 
PHE CA  CB   sing N N 222 
PHE CA  HA   sing N N 223 
PHE C   O    doub N N 224 
PHE C   OXT  sing N N 225 
PHE CB  CG   sing N N 226 
PHE CB  HB2  sing N N 227 
PHE CB  HB3  sing N N 228 
PHE CG  CD1  doub Y N 229 
PHE CG  CD2  sing Y N 230 
PHE CD1 CE1  sing Y N 231 
PHE CD1 HD1  sing N N 232 
PHE CD2 CE2  doub Y N 233 
PHE CD2 HD2  sing N N 234 
PHE CE1 CZ   doub Y N 235 
PHE CE1 HE1  sing N N 236 
PHE CE2 CZ   sing Y N 237 
PHE CE2 HE2  sing N N 238 
PHE CZ  HZ   sing N N 239 
PHE OXT HXT  sing N N 240 
PRO N   CA   sing N N 241 
PRO N   CD   sing N N 242 
PRO N   H    sing N N 243 
PRO CA  C    sing N N 244 
PRO CA  CB   sing N N 245 
PRO CA  HA   sing N N 246 
PRO C   O    doub N N 247 
PRO C   OXT  sing N N 248 
PRO CB  CG   sing N N 249 
PRO CB  HB2  sing N N 250 
PRO CB  HB3  sing N N 251 
PRO CG  CD   sing N N 252 
PRO CG  HG2  sing N N 253 
PRO CG  HG3  sing N N 254 
PRO CD  HD2  sing N N 255 
PRO CD  HD3  sing N N 256 
PRO OXT HXT  sing N N 257 
SER N   CA   sing N N 258 
SER N   H    sing N N 259 
SER N   H2   sing N N 260 
SER CA  C    sing N N 261 
SER CA  CB   sing N N 262 
SER CA  HA   sing N N 263 
SER C   O    doub N N 264 
SER C   OXT  sing N N 265 
SER CB  OG   sing N N 266 
SER CB  HB2  sing N N 267 
SER CB  HB3  sing N N 268 
SER OG  HG   sing N N 269 
SER OXT HXT  sing N N 270 
THR N   CA   sing N N 271 
THR N   H    sing N N 272 
THR N   H2   sing N N 273 
THR CA  C    sing N N 274 
THR CA  CB   sing N N 275 
THR CA  HA   sing N N 276 
THR C   O    doub N N 277 
THR C   OXT  sing N N 278 
THR CB  OG1  sing N N 279 
THR CB  CG2  sing N N 280 
THR CB  HB   sing N N 281 
THR OG1 HG1  sing N N 282 
THR CG2 HG21 sing N N 283 
THR CG2 HG22 sing N N 284 
THR CG2 HG23 sing N N 285 
THR OXT HXT  sing N N 286 
TYR N   CA   sing N N 287 
TYR N   H    sing N N 288 
TYR N   H2   sing N N 289 
TYR CA  C    sing N N 290 
TYR CA  CB   sing N N 291 
TYR CA  HA   sing N N 292 
TYR C   O    doub N N 293 
TYR C   OXT  sing N N 294 
TYR CB  CG   sing N N 295 
TYR CB  HB2  sing N N 296 
TYR CB  HB3  sing N N 297 
TYR CG  CD1  doub Y N 298 
TYR CG  CD2  sing Y N 299 
TYR CD1 CE1  sing Y N 300 
TYR CD1 HD1  sing N N 301 
TYR CD2 CE2  doub Y N 302 
TYR CD2 HD2  sing N N 303 
TYR CE1 CZ   doub Y N 304 
TYR CE1 HE1  sing N N 305 
TYR CE2 CZ   sing Y N 306 
TYR CE2 HE2  sing N N 307 
TYR CZ  OH   sing N N 308 
TYR OH  HH   sing N N 309 
TYR OXT HXT  sing N N 310 
VAL N   CA   sing N N 311 
VAL N   H    sing N N 312 
VAL N   H2   sing N N 313 
VAL CA  C    sing N N 314 
VAL CA  CB   sing N N 315 
VAL CA  HA   sing N N 316 
VAL C   O    doub N N 317 
VAL C   OXT  sing N N 318 
VAL CB  CG1  sing N N 319 
VAL CB  CG2  sing N N 320 
VAL CB  HB   sing N N 321 
VAL CG1 HG11 sing N N 322 
VAL CG1 HG12 sing N N 323 
VAL CG1 HG13 sing N N 324 
VAL CG2 HG21 sing N N 325 
VAL CG2 HG22 sing N N 326 
VAL CG2 HG23 sing N N 327 
VAL OXT HXT  sing N N 328 
# 
_atom_sites.entry_id                    1XAK 
_atom_sites.fract_transf_matrix[1][1]   -0.01454514 
_atom_sites.fract_transf_matrix[1][2]   -0.02579334 
_atom_sites.fract_transf_matrix[1][3]   0.00958315 
_atom_sites.fract_transf_matrix[2][1]   0.01636777 
_atom_sites.fract_transf_matrix[2][2]   -0.02343007 
_atom_sites.fract_transf_matrix[2][3]   0.01232199 
_atom_sites.fract_transf_matrix[3][1]   -0.00200980 
_atom_sites.fract_transf_matrix[3][2]   0.00724026 
_atom_sites.fract_transf_matrix[3][3]   0.01643693 
_atom_sites.fract_transf_vector[1]      0.457641 
_atom_sites.fract_transf_vector[2]      0.630427 
_atom_sites.fract_transf_vector[3]      0.305647 
# 
loop_
_atom_type.symbol 
C 
N 
O 
S 
# 
loop_
_atom_site.group_PDB 
_atom_site.id 
_atom_site.type_symbol 
_atom_site.label_atom_id 
_atom_site.label_alt_id 
_atom_site.label_comp_id 
_atom_site.label_asym_id 
_atom_site.label_entity_id 
_atom_site.label_seq_id 
_atom_site.pdbx_PDB_ins_code 
_atom_site.Cartn_x 
_atom_site.Cartn_y 
_atom_site.Cartn_z 
_atom_site.occupancy 
_atom_site.B_iso_or_equiv 
_atom_site.pdbx_formal_charge 
_atom_site.auth_seq_id 
_atom_site.auth_comp_id 
_atom_site.auth_asym_id 
_atom_site.auth_atom_id 
_atom_site.pdbx_PDB_model_num 
ATOM   1   N N   . CYS A 1 2  ? 17.445  -1.333  -3.981  1.00 49.83 ? -1  CYS A N   1 
ATOM   2   C CA  . CYS A 1 2  ? 16.859  -1.224  -2.619  1.00 48.72 ? -1  CYS A CA  1 
ATOM   3   C C   . CYS A 1 2  ? 15.581  -0.388  -2.648  1.00 45.87 ? -1  CYS A C   1 
ATOM   4   O O   . CYS A 1 2  ? 14.894  -0.266  -1.639  1.00 45.01 ? -1  CYS A O   1 
ATOM   5   C CB  . CYS A 1 2  ? 17.858  -0.570  -1.669  1.00 50.62 ? -1  CYS A CB  1 
ATOM   6   S SG  . CYS A 1 2  ? 18.297  1.116   -2.138  1.00 62.69 ? -1  CYS A SG  1 
ATOM   7   N N   . GLU A 1 3  ? 15.276  0.193   -3.805  1.00 42.59 ? 1   GLU A N   1 
ATOM   8   C CA  . GLU A 1 3  ? 14.081  1.018   -3.960  1.00 39.94 ? 1   GLU A CA  1 
ATOM   9   C C   . GLU A 1 3  ? 13.191  0.462   -5.066  1.00 35.64 ? 1   GLU A C   1 
ATOM   10  O O   . GLU A 1 3  ? 13.601  0.391   -6.226  1.00 32.93 ? 1   GLU A O   1 
ATOM   11  C CB  . GLU A 1 3  ? 14.474  2.456   -4.300  1.00 45.03 ? 1   GLU A CB  1 
ATOM   12  C CG  . GLU A 1 3  ? 15.220  3.191   -3.192  1.00 52.56 ? 1   GLU A CG  1 
ATOM   13  C CD  . GLU A 1 3  ? 14.290  3.827   -2.177  1.00 56.69 ? 1   GLU A CD  1 
ATOM   14  O OE1 . GLU A 1 3  ? 13.451  3.108   -1.595  1.00 60.97 ? 1   GLU A OE1 1 
ATOM   15  O OE2 . GLU A 1 3  ? 14.401  5.053   -1.960  1.00 59.24 ? 1   GLU A OE2 1 
ATOM   16  N N   . LEU A 1 4  ? 11.976  0.066   -4.702  1.00 30.07 ? 2   LEU A N   1 
ATOM   17  C CA  . LEU A 1 4  ? 11.028  -0.472  -5.668  1.00 24.13 ? 2   LEU A CA  1 
ATOM   18  C C   . LEU A 1 4  ? 9.784   0.390   -5.645  1.00 24.45 ? 2   LEU A C   1 
ATOM   19  O O   . LEU A 1 4  ? 9.339   0.799   -4.584  1.00 23.73 ? 2   LEU A O   1 
ATOM   20  C CB  . LEU A 1 4  ? 10.674  -1.917  -5.327  1.00 26.84 ? 2   LEU A CB  1 
ATOM   21  C CG  . LEU A 1 4  ? 11.851  -2.869  -5.543  1.00 34.57 ? 2   LEU A CG  1 
ATOM   22  C CD1 . LEU A 1 4  ? 11.466  -4.279  -5.127  1.00 35.67 ? 2   LEU A CD1 1 
ATOM   23  C CD2 . LEU A 1 4  ? 12.261  -2.823  -7.012  1.00 36.77 ? 2   LEU A CD2 1 
ATOM   24  N N   . TYR A 1 5  ? 9.245   0.671   -6.824  1.00 22.17 ? 3   TYR A N   1 
ATOM   25  C CA  . TYR A 1 5  ? 8.070   1.507   -6.954  1.00 22.57 ? 3   TYR A CA  1 
ATOM   26  C C   . TYR A 1 5  ? 6.888   0.712   -7.457  1.00 21.25 ? 3   TYR A C   1 
ATOM   27  O O   . TYR A 1 5  ? 7.016   -0.099  -8.370  1.00 21.05 ? 3   TYR A O   1 
ATOM   28  C CB  . TYR A 1 5  ? 8.370   2.643   -7.921  1.00 22.75 ? 3   TYR A CB  1 
ATOM   29  C CG  . TYR A 1 5  ? 9.445   3.565   -7.398  1.00 32.88 ? 3   TYR A CG  1 
ATOM   30  C CD1 . TYR A 1 5  ? 9.128   4.612   -6.539  1.00 33.71 ? 3   TYR A CD1 1 
ATOM   31  C CD2 . TYR A 1 5  ? 10.785  3.367   -7.735  1.00 38.43 ? 3   TYR A CD2 1 
ATOM   32  C CE1 . TYR A 1 5  ? 10.119  5.448   -6.023  1.00 42.48 ? 3   TYR A CE1 1 
ATOM   33  C CE2 . TYR A 1 5  ? 11.787  4.197   -7.225  1.00 38.48 ? 3   TYR A CE2 1 
ATOM   34  C CZ  . TYR A 1 5  ? 11.443  5.235   -6.370  1.00 44.08 ? 3   TYR A CZ  1 
ATOM   35  O OH  . TYR A 1 5  ? 12.416  6.067   -5.861  1.00 49.17 ? 3   TYR A OH  1 
ATOM   36  N N   . HIS A 1 6  ? 5.724   0.983   -6.875  1.00 21.59 ? 4   HIS A N   1 
ATOM   37  C CA  . HIS A 1 6  ? 4.509   0.295   -7.268  1.00 21.56 ? 4   HIS A CA  1 
ATOM   38  C C   . HIS A 1 6  ? 3.510   1.373   -7.685  1.00 23.14 ? 4   HIS A C   1 
ATOM   39  O O   . HIS A 1 6  ? 3.526   2.484   -7.140  1.00 19.43 ? 4   HIS A O   1 
ATOM   40  C CB  . HIS A 1 6  ? 3.919   -0.489  -6.093  1.00 25.75 ? 4   HIS A CB  1 
ATOM   41  C CG  . HIS A 1 6  ? 4.796   -1.576  -5.564  1.00 27.58 ? 4   HIS A CG  1 
ATOM   42  N ND1 . HIS A 1 6  ? 6.003   -1.329  -4.947  1.00 28.12 ? 4   HIS A ND1 1 
ATOM   43  C CD2 . HIS A 1 6  ? 4.610   -2.915  -5.504  1.00 22.81 ? 4   HIS A CD2 1 
ATOM   44  C CE1 . HIS A 1 6  ? 6.521   -2.471  -4.531  1.00 22.16 ? 4   HIS A CE1 1 
ATOM   45  N NE2 . HIS A 1 6  ? 5.695   -3.448  -4.857  1.00 29.49 ? 4   HIS A NE2 1 
ATOM   46  N N   . TYR A 1 7  ? 2.673   1.055   -8.668  1.00 21.05 ? 5   TYR A N   1 
ATOM   47  C CA  . TYR A 1 7  ? 1.646   1.992   -9.117  1.00 23.23 ? 5   TYR A CA  1 
ATOM   48  C C   . TYR A 1 7  ? 0.422   1.216   -9.546  1.00 23.17 ? 5   TYR A C   1 
ATOM   49  O O   . TYR A 1 7  ? 0.525   0.221   -10.253 1.00 22.29 ? 5   TYR A O   1 
ATOM   50  C CB  . TYR A 1 7  ? 2.157   2.837   -10.291 1.00 21.55 ? 5   TYR A CB  1 
ATOM   51  C CG  . TYR A 1 7  ? 1.143   3.797   -10.877 1.00 26.86 ? 5   TYR A CG  1 
ATOM   52  C CD1 . TYR A 1 7  ? 0.165   3.352   -11.772 1.00 29.59 ? 5   TYR A CD1 1 
ATOM   53  C CD2 . TYR A 1 7  ? 1.177   5.152   -10.558 1.00 29.23 ? 5   TYR A CD2 1 
ATOM   54  C CE1 . TYR A 1 7  ? -0.755  4.242   -12.338 1.00 34.78 ? 5   TYR A CE1 1 
ATOM   55  C CE2 . TYR A 1 7  ? 0.264   6.050   -11.113 1.00 34.65 ? 5   TYR A CE2 1 
ATOM   56  C CZ  . TYR A 1 7  ? -0.698  5.587   -12.004 1.00 35.35 ? 5   TYR A CZ  1 
ATOM   57  O OH  . TYR A 1 7  ? -1.590  6.475   -12.562 1.00 37.55 ? 5   TYR A OH  1 
ATOM   58  N N   . GLN A 1 8  ? -0.749  1.659   -9.103  1.00 23.91 ? 6   GLN A N   1 
ATOM   59  C CA  . GLN A 1 8  ? -1.963  0.985   -9.515  1.00 28.73 ? 6   GLN A CA  1 
ATOM   60  C C   . GLN A 1 8  ? -3.141  1.910   -9.360  1.00 30.40 ? 6   GLN A C   1 
ATOM   61  O O   . GLN A 1 8  ? -3.145  2.796   -8.516  1.00 28.66 ? 6   GLN A O   1 
ATOM   62  C CB  . GLN A 1 8  ? -2.185  -0.319  -8.736  1.00 31.53 ? 6   GLN A CB  1 
ATOM   63  C CG  . GLN A 1 8  ? -2.726  -0.206  -7.325  1.00 37.81 ? 6   GLN A CG  1 
ATOM   64  C CD  . GLN A 1 8  ? -3.152  -1.565  -6.777  1.00 41.25 ? 6   GLN A CD  1 
ATOM   65  O OE1 . GLN A 1 8  ? -2.335  -2.474  -6.633  1.00 46.86 ? 6   GLN A OE1 1 
ATOM   66  N NE2 . GLN A 1 8  ? -4.438  -1.709  -6.482  1.00 45.92 ? 6   GLN A NE2 1 
ATOM   67  N N   . GLU A 1 9  ? -4.134  1.708   -10.208 1.00 34.42 ? 7   GLU A N   1 
ATOM   68  C CA  . GLU A 1 9  ? -5.318  2.531   -10.170 1.00 35.69 ? 7   GLU A CA  1 
ATOM   69  C C   . GLU A 1 9  ? -6.414  1.750   -9.474  1.00 32.53 ? 7   GLU A C   1 
ATOM   70  O O   . GLU A 1 9  ? -6.399  0.520   -9.451  1.00 34.90 ? 7   GLU A O   1 
ATOM   71  C CB  . GLU A 1 9  ? -5.735  2.906   -11.594 1.00 40.13 ? 7   GLU A CB  1 
ATOM   72  C CG  . GLU A 1 9  ? -4.696  3.728   -12.337 1.00 44.93 ? 7   GLU A CG  1 
ATOM   73  C CD  . GLU A 1 9  ? -4.984  3.834   -13.822 1.00 50.72 ? 7   GLU A CD  1 
ATOM   74  O OE1 . GLU A 1 9  ? -6.064  4.337   -14.188 1.00 51.87 ? 7   GLU A OE1 1 
ATOM   75  O OE2 . GLU A 1 9  ? -4.126  3.411   -14.624 1.00 57.15 ? 7   GLU A OE2 1 
ATOM   76  N N   . CYS A 1 10 ? -7.359  2.473   -8.888  1.00 32.65 ? 8   CYS A N   1 
ATOM   77  C CA  . CYS A 1 10 ? -8.471  1.850   -8.197  1.00 32.65 ? 8   CYS A CA  1 
ATOM   78  C C   . CYS A 1 10 ? -9.653  2.796   -8.314  1.00 31.55 ? 8   CYS A C   1 
ATOM   79  O O   . CYS A 1 10 ? -9.478  3.961   -8.660  1.00 31.16 ? 8   CYS A O   1 
ATOM   80  C CB  . CYS A 1 10 ? -8.118  1.610   -6.725  1.00 31.99 ? 8   CYS A CB  1 
ATOM   81  S SG  . CYS A 1 10 ? -7.451  3.051   -5.823  1.00 36.66 ? 8   CYS A SG  1 
ATOM   82  N N   . VAL A 1 11 ? -10.852 2.292   -8.057  1.00 33.03 ? 9   VAL A N   1 
ATOM   83  C CA  . VAL A 1 11 ? -12.041 3.140   -8.131  1.00 36.11 ? 9   VAL A CA  1 
ATOM   84  C C   . VAL A 1 11 ? -12.148 3.906   -6.820  1.00 34.43 ? 9   VAL A C   1 
ATOM   85  O O   . VAL A 1 11 ? -12.171 3.307   -5.749  1.00 36.09 ? 9   VAL A O   1 
ATOM   86  C CB  . VAL A 1 11 ? -13.321 2.311   -8.335  1.00 36.42 ? 9   VAL A CB  1 
ATOM   87  C CG1 . VAL A 1 11 ? -14.541 3.220   -8.295  1.00 39.18 ? 9   VAL A CG1 1 
ATOM   88  C CG2 . VAL A 1 11 ? -13.259 1.591   -9.662  1.00 36.53 ? 9   VAL A CG2 1 
ATOM   89  N N   . ARG A 1 12 ? -12.214 5.228   -6.907  1.00 36.82 ? 10  ARG A N   1 
ATOM   90  C CA  . ARG A 1 12 ? -12.300 6.052   -5.707  1.00 39.50 ? 10  ARG A CA  1 
ATOM   91  C C   . ARG A 1 12 ? -13.428 5.598   -4.793  1.00 40.83 ? 10  ARG A C   1 
ATOM   92  O O   . ARG A 1 12 ? -14.489 5.180   -5.254  1.00 42.61 ? 10  ARG A O   1 
ATOM   93  C CB  . ARG A 1 12 ? -12.492 7.526   -6.075  1.00 38.57 ? 10  ARG A CB  1 
ATOM   94  C CG  . ARG A 1 12 ? -12.445 8.463   -4.870  1.00 42.59 ? 10  ARG A CG  1 
ATOM   95  C CD  . ARG A 1 12 ? -12.678 9.914   -5.253  1.00 43.20 ? 10  ARG A CD  1 
ATOM   96  N NE  . ARG A 1 12 ? -11.648 10.447  -6.140  1.00 48.34 ? 10  ARG A NE  1 
ATOM   97  C CZ  . ARG A 1 12 ? -10.393 10.699  -5.779  1.00 52.82 ? 10  ARG A CZ  1 
ATOM   98  N NH1 . ARG A 1 12 ? -9.989  10.469  -4.534  1.00 53.46 ? 10  ARG A NH1 1 
ATOM   99  N NH2 . ARG A 1 12 ? -9.537  11.189  -6.668  1.00 53.28 ? 10  ARG A NH2 1 
ATOM   100 N N   . GLY A 1 13 ? -13.179 5.661   -3.490  1.00 42.63 ? 11  GLY A N   1 
ATOM   101 C CA  . GLY A 1 13 ? -14.188 5.272   -2.526  1.00 43.65 ? 11  GLY A CA  1 
ATOM   102 C C   . GLY A 1 13 ? -14.253 3.795   -2.190  1.00 43.84 ? 11  GLY A C   1 
ATOM   103 O O   . GLY A 1 13 ? -14.682 3.437   -1.093  1.00 44.80 ? 11  GLY A O   1 
ATOM   104 N N   . THR A 1 14 ? -13.839 2.931   -3.114  1.00 43.18 ? 12  THR A N   1 
ATOM   105 C CA  . THR A 1 14 ? -13.883 1.494   -2.856  1.00 43.65 ? 12  THR A CA  1 
ATOM   106 C C   . THR A 1 14 ? -12.732 1.060   -1.957  1.00 42.99 ? 12  THR A C   1 
ATOM   107 O O   . THR A 1 14 ? -11.800 1.826   -1.707  1.00 41.15 ? 12  THR A O   1 
ATOM   108 C CB  . THR A 1 14 ? -13.818 0.670   -4.164  1.00 45.57 ? 12  THR A CB  1 
ATOM   109 O OG1 . THR A 1 14 ? -12.537 0.837   -4.780  1.00 45.03 ? 12  THR A OG1 1 
ATOM   110 C CG2 . THR A 1 14 ? -14.898 1.117   -5.130  1.00 47.73 ? 12  THR A CG2 1 
ATOM   111 N N   . THR A 1 15 ? -12.806 -0.172  -1.470  1.00 41.33 ? 13  THR A N   1 
ATOM   112 C CA  . THR A 1 15 ? -11.770 -0.713  -0.607  1.00 42.40 ? 13  THR A CA  1 
ATOM   113 C C   . THR A 1 15 ? -10.792 -1.539  -1.431  1.00 41.30 ? 13  THR A C   1 
ATOM   114 O O   . THR A 1 15 ? -11.196 -2.392  -2.221  1.00 41.18 ? 13  THR A O   1 
ATOM   115 C CB  . THR A 1 15 ? -12.374 -1.601  0.495   1.00 46.03 ? 13  THR A CB  1 
ATOM   116 O OG1 . THR A 1 15 ? -13.268 -0.818  1.296   1.00 48.85 ? 13  THR A OG1 1 
ATOM   117 C CG2 . THR A 1 15 ? -11.278 -2.173  1.385   1.00 45.70 ? 13  THR A CG2 1 
ATOM   118 N N   . VAL A 1 16 ? -9.504  -1.274  -1.251  1.00 39.55 ? 14  VAL A N   1 
ATOM   119 C CA  . VAL A 1 16 ? -8.468  -1.997  -1.974  1.00 38.80 ? 14  VAL A CA  1 
ATOM   120 C C   . VAL A 1 16 ? -7.757  -2.957  -1.030  1.00 36.74 ? 14  VAL A C   1 
ATOM   121 O O   . VAL A 1 16 ? -7.440  -2.600  0.103   1.00 34.79 ? 14  VAL A O   1 
ATOM   122 C CB  . VAL A 1 16 ? -7.430  -1.023  -2.575  1.00 40.89 ? 14  VAL A CB  1 
ATOM   123 C CG1 . VAL A 1 16 ? -6.349  -1.797  -3.310  1.00 45.20 ? 14  VAL A CG1 1 
ATOM   124 C CG2 . VAL A 1 16 ? -8.119  -0.056  -3.523  1.00 44.76 ? 14  VAL A CG2 1 
ATOM   125 N N   . ILE A 1 17 ? -7.524  -4.179  -1.498  1.00 35.38 ? 15  ILE A N   1 
ATOM   126 C CA  . ILE A 1 17 ? -6.832  -5.176  -0.702  1.00 35.47 ? 15  ILE A CA  1 
ATOM   127 C C   . ILE A 1 17 ? -5.496  -5.471  -1.365  1.00 36.16 ? 15  ILE A C   1 
ATOM   128 O O   . ILE A 1 17 ? -5.440  -5.860  -2.532  1.00 37.00 ? 15  ILE A O   1 
ATOM   129 C CB  . ILE A 1 17 ? -7.643  -6.479  -0.600  1.00 39.27 ? 15  ILE A CB  1 
ATOM   130 C CG1 . ILE A 1 17 ? -9.073  -6.167  -0.157  1.00 40.51 ? 15  ILE A CG1 1 
ATOM   131 C CG2 . ILE A 1 17 ? -6.982  -7.423  0.381   1.00 39.15 ? 15  ILE A CG2 1 
ATOM   132 C CD1 . ILE A 1 17 ? -9.166  -5.395  1.136   1.00 40.61 ? 15  ILE A CD1 1 
ATOM   133 N N   . LEU A 1 18 ? -4.418  -5.267  -0.620  1.00 33.83 ? 16  LEU A N   1 
ATOM   134 C CA  . LEU A 1 18 ? -3.083  -5.499  -1.148  1.00 34.26 ? 16  LEU A CA  1 
ATOM   135 C C   . LEU A 1 18 ? -2.303  -6.461  -0.271  1.00 34.89 ? 16  LEU A C   1 
ATOM   136 O O   . LEU A 1 18 ? -2.599  -6.634  0.908   1.00 36.27 ? 16  LEU A O   1 
ATOM   137 C CB  . LEU A 1 18 ? -2.322  -4.171  -1.251  1.00 31.74 ? 16  LEU A CB  1 
ATOM   138 C CG  . LEU A 1 18 ? -2.960  -3.114  -2.149  1.00 30.77 ? 16  LEU A CG  1 
ATOM   139 C CD1 . LEU A 1 18 ? -2.225  -1.795  -2.010  1.00 35.74 ? 16  LEU A CD1 1 
ATOM   140 C CD2 . LEU A 1 18 ? -2.954  -3.603  -3.588  1.00 36.94 ? 16  LEU A CD2 1 
ATOM   141 N N   . LYS A 1 19 ? -1.299  -7.090  -0.865  1.00 36.57 ? 17  LYS A N   1 
ATOM   142 C CA  . LYS A 1 19 ? -0.449  -8.028  -0.153  1.00 38.45 ? 17  LYS A CA  1 
ATOM   143 C C   . LYS A 1 19 ? 0.754   -7.231  0.337   1.00 35.89 ? 17  LYS A C   1 
ATOM   144 O O   . LYS A 1 19 ? 1.277   -6.391  -0.391  1.00 34.99 ? 17  LYS A O   1 
ATOM   145 C CB  . LYS A 1 19 ? 0.011   -9.135  -1.105  1.00 42.27 ? 17  LYS A CB  1 
ATOM   146 C CG  . LYS A 1 19 ? 0.937   -10.170 -0.494  1.00 49.39 ? 17  LYS A CG  1 
ATOM   147 C CD  . LYS A 1 19 ? 0.194   -11.137 0.405   1.00 54.83 ? 17  LYS A CD  1 
ATOM   148 C CE  . LYS A 1 19 ? 1.130   -12.216 0.923   1.00 59.22 ? 17  LYS A CE  1 
ATOM   149 N NZ  . LYS A 1 19 ? 0.402   -13.242 1.720   1.00 66.35 ? 17  LYS A NZ  1 
ATOM   150 N N   . GLU A 1 20 ? 1.175   -7.468  1.573   1.00 36.44 ? 18  GLU A N   1 
ATOM   151 C CA  . GLU A 1 20 ? 2.337   -6.771  2.098   1.00 36.72 ? 18  GLU A CA  1 
ATOM   152 C C   . GLU A 1 20 ? 3.526   -7.194  1.237   1.00 36.55 ? 18  GLU A C   1 
ATOM   153 O O   . GLU A 1 20 ? 3.645   -8.361  0.858   1.00 37.48 ? 18  GLU A O   1 
ATOM   154 C CB  . GLU A 1 20 ? 2.573   -7.151  3.559   1.00 43.39 ? 18  GLU A CB  1 
ATOM   155 C CG  . GLU A 1 20 ? 1.431   -6.740  4.477   1.00 50.33 ? 18  GLU A CG  1 
ATOM   156 C CD  . GLU A 1 20 ? 1.716   -7.013  5.936   1.00 54.29 ? 18  GLU A CD  1 
ATOM   157 O OE1 . GLU A 1 20 ? 1.950   -8.188  6.288   1.00 53.66 ? 18  GLU A OE1 1 
ATOM   158 O OE2 . GLU A 1 20 ? 1.704   -6.048  6.732   1.00 57.85 ? 18  GLU A OE2 1 
ATOM   159 N N   . PRO A 1 21 ? 4.412   -6.249  0.901   1.00 34.73 ? 19  PRO A N   1 
ATOM   160 C CA  . PRO A 1 21 ? 5.573   -6.587  0.070   1.00 35.77 ? 19  PRO A CA  1 
ATOM   161 C C   . PRO A 1 21 ? 6.623   -7.436  0.779   1.00 38.14 ? 19  PRO A C   1 
ATOM   162 O O   . PRO A 1 21 ? 7.493   -8.022  0.137   1.00 41.48 ? 19  PRO A O   1 
ATOM   163 C CB  . PRO A 1 21 ? 6.107   -5.224  -0.342  1.00 34.80 ? 19  PRO A CB  1 
ATOM   164 C CG  . PRO A 1 21 ? 5.788   -4.371  0.852   1.00 31.24 ? 19  PRO A CG  1 
ATOM   165 C CD  . PRO A 1 21 ? 4.379   -4.806  1.202   1.00 31.20 ? 19  PRO A CD  1 
ATOM   166 N N   . CYS A 1 22 ? 6.534   -7.503  2.103   1.00 36.82 ? 20  CYS A N   1 
ATOM   167 C CA  . CYS A 1 22 ? 7.479   -8.273  2.895   1.00 40.72 ? 20  CYS A CA  1 
ATOM   168 C C   . CYS A 1 22 ? 6.922   -8.537  4.285   1.00 42.74 ? 20  CYS A C   1 
ATOM   169 O O   . CYS A 1 22 ? 6.099   -7.774  4.789   1.00 40.99 ? 20  CYS A O   1 
ATOM   170 C CB  . CYS A 1 22 ? 8.798   -7.514  3.022   1.00 41.50 ? 20  CYS A CB  1 
ATOM   171 S SG  . CYS A 1 22 ? 8.653   -5.878  3.818   1.00 42.83 ? 20  CYS A SG  1 
ATOM   172 N N   . PRO A 1 23 ? 7.366   -9.628  4.928   1.00 44.12 ? 21  PRO A N   1 
ATOM   173 C CA  . PRO A 1 23 ? 6.870   -9.932  6.272   1.00 44.84 ? 21  PRO A CA  1 
ATOM   174 C C   . PRO A 1 23 ? 7.290   -8.884  7.303   1.00 44.84 ? 21  PRO A C   1 
ATOM   175 O O   . PRO A 1 23 ? 8.414   -8.371  7.266   1.00 42.30 ? 21  PRO A O   1 
ATOM   176 C CB  . PRO A 1 23 ? 7.461   -11.314 6.552   1.00 45.07 ? 21  PRO A CB  1 
ATOM   177 C CG  . PRO A 1 23 ? 8.745   -11.297 5.773   1.00 47.70 ? 21  PRO A CG  1 
ATOM   178 C CD  . PRO A 1 23 ? 8.321   -10.654 4.470   1.00 47.19 ? 21  PRO A CD  1 
ATOM   179 N N   . SER A 1 24 ? 6.368   -8.574  8.212   1.00 45.55 ? 22  SER A N   1 
ATOM   180 C CA  . SER A 1 24 ? 6.577   -7.595  9.278   1.00 47.15 ? 22  SER A CA  1 
ATOM   181 C C   . SER A 1 24 ? 7.406   -6.382  8.866   1.00 47.03 ? 22  SER A C   1 
ATOM   182 O O   . SER A 1 24 ? 8.402   -6.051  9.510   1.00 49.32 ? 22  SER A O   1 
ATOM   183 C CB  . SER A 1 24 ? 7.226   -8.262  10.500  1.00 49.10 ? 22  SER A CB  1 
ATOM   184 O OG  . SER A 1 24 ? 8.576   -8.613  10.247  1.00 54.37 ? 22  SER A OG  1 
ATOM   185 N N   . GLY A 1 25 ? 7.002   -5.724  7.787   1.00 46.17 ? 23  GLY A N   1 
ATOM   186 C CA  . GLY A 1 25 ? 7.719   -4.543  7.348   1.00 43.72 ? 23  GLY A CA  1 
ATOM   187 C C   . GLY A 1 25 ? 7.121   -3.332  8.042   1.00 42.05 ? 23  GLY A C   1 
ATOM   188 O O   . GLY A 1 25 ? 6.020   -3.418  8.597   1.00 42.60 ? 23  GLY A O   1 
ATOM   189 N N   . THR A 1 26 ? 7.830   -2.208  8.032   1.00 34.71 ? 24  THR A N   1 
ATOM   190 C CA  . THR A 1 26 ? 7.307   -1.005  8.669   1.00 31.02 ? 24  THR A CA  1 
ATOM   191 C C   . THR A 1 26 ? 6.627   -0.167  7.601   1.00 29.18 ? 24  THR A C   1 
ATOM   192 O O   . THR A 1 26 ? 7.151   -0.013  6.497   1.00 27.85 ? 24  THR A O   1 
ATOM   193 C CB  . THR A 1 26 ? 8.422   -0.174  9.338   1.00 34.82 ? 24  THR A CB  1 
ATOM   194 O OG1 . THR A 1 26 ? 9.297   0.355   8.338   1.00 46.20 ? 24  THR A OG1 1 
ATOM   195 C CG2 . THR A 1 26 ? 9.224   -1.042  10.301  1.00 30.63 ? 24  THR A CG2 1 
ATOM   196 N N   . TYR A 1 27 ? 5.460   0.371   7.937   1.00 25.33 ? 25  TYR A N   1 
ATOM   197 C CA  . TYR A 1 27 ? 4.680   1.176   7.005   1.00 23.27 ? 25  TYR A CA  1 
ATOM   198 C C   . TYR A 1 27 ? 4.574   2.651   7.378   1.00 22.05 ? 25  TYR A C   1 
ATOM   199 O O   . TYR A 1 27 ? 4.568   3.013   8.558   1.00 21.85 ? 25  TYR A O   1 
ATOM   200 C CB  . TYR A 1 27 ? 3.273   0.561   6.899   1.00 22.33 ? 25  TYR A CB  1 
ATOM   201 C CG  . TYR A 1 27 ? 2.178   1.486   6.409   1.00 24.16 ? 25  TYR A CG  1 
ATOM   202 C CD1 . TYR A 1 27 ? 1.558   2.393   7.274   1.00 24.62 ? 25  TYR A CD1 1 
ATOM   203 C CD2 . TYR A 1 27 ? 1.744   1.443   5.084   1.00 24.59 ? 25  TYR A CD2 1 
ATOM   204 C CE1 . TYR A 1 27 ? 0.528   3.230   6.827   1.00 24.44 ? 25  TYR A CE1 1 
ATOM   205 C CE2 . TYR A 1 27 ? 0.725   2.273   4.629   1.00 23.49 ? 25  TYR A CE2 1 
ATOM   206 C CZ  . TYR A 1 27 ? 0.119   3.157   5.500   1.00 25.34 ? 25  TYR A CZ  1 
ATOM   207 O OH  . TYR A 1 27 ? -0.914  3.947   5.052   1.00 30.76 ? 25  TYR A OH  1 
ATOM   208 N N   . GLU A 1 28 ? 4.507   3.503   6.357   1.00 21.79 ? 26  GLU A N   1 
ATOM   209 C CA  . GLU A 1 28 ? 4.311   4.928   6.568   1.00 23.82 ? 26  GLU A CA  1 
ATOM   210 C C   . GLU A 1 28 ? 3.447   5.418   5.416   1.00 25.22 ? 26  GLU A C   1 
ATOM   211 O O   . GLU A 1 28 ? 3.734   5.110   4.258   1.00 26.29 ? 26  GLU A O   1 
ATOM   212 C CB  . GLU A 1 28 ? 5.629   5.700   6.561   1.00 28.31 ? 26  GLU A CB  1 
ATOM   213 C CG  . GLU A 1 28 ? 5.463   7.090   7.176   1.00 36.41 ? 26  GLU A CG  1 
ATOM   214 C CD  . GLU A 1 28 ? 6.687   7.972   7.035   1.00 42.74 ? 26  GLU A CD  1 
ATOM   215 O OE1 . GLU A 1 28 ? 7.819   7.453   7.134   1.00 43.93 ? 26  GLU A OE1 1 
ATOM   216 O OE2 . GLU A 1 28 ? 6.509   9.192   6.842   1.00 47.23 ? 26  GLU A OE2 1 
ATOM   217 N N   . GLY A 1 29 ? 2.389   6.159   5.729   1.00 23.51 ? 27  GLY A N   1 
ATOM   218 C CA  . GLY A 1 29 ? 1.518   6.660   4.678   1.00 26.93 ? 27  GLY A CA  1 
ATOM   219 C C   . GLY A 1 29 ? 0.525   7.687   5.186   1.00 29.80 ? 27  GLY A C   1 
ATOM   220 O O   . GLY A 1 29 ? 0.522   8.016   6.371   1.00 25.55 ? 27  GLY A O   1 
ATOM   221 N N   . ASN A 1 30 ? -0.330  8.181   4.289   1.00 33.69 ? 28  ASN A N   1 
ATOM   222 C CA  . ASN A 1 30 ? -1.330  9.190   4.634   1.00 38.45 ? 28  ASN A CA  1 
ATOM   223 C C   . ASN A 1 30 ? -2.597  8.653   5.295   1.00 41.52 ? 28  ASN A C   1 
ATOM   224 O O   . ASN A 1 30 ? -3.448  9.427   5.740   1.00 40.54 ? 28  ASN A O   1 
ATOM   225 C CB  . ASN A 1 30 ? -1.724  9.981   3.384   1.00 41.60 ? 28  ASN A CB  1 
ATOM   226 C CG  . ASN A 1 30 ? -0.537  10.657  2.726   1.00 47.10 ? 28  ASN A CG  1 
ATOM   227 O OD1 . ASN A 1 30 ? 0.189   11.425  3.362   1.00 50.04 ? 28  ASN A OD1 1 
ATOM   228 N ND2 . ASN A 1 30 ? -0.337  10.381  1.439   1.00 47.84 ? 28  ASN A ND2 1 
ATOM   229 N N   . SER A 1 31 ? -2.739  7.336   5.352   1.00 42.92 ? 29  SER A N   1 
ATOM   230 C CA  . SER A 1 31 ? -3.916  6.749   5.978   1.00 44.95 ? 29  SER A CA  1 
ATOM   231 C C   . SER A 1 31 ? -3.490  5.670   6.960   1.00 44.13 ? 29  SER A C   1 
ATOM   232 O O   . SER A 1 31 ? -2.485  4.993   6.743   1.00 39.87 ? 29  SER A O   1 
ATOM   233 C CB  . SER A 1 31 ? -4.838  6.149   4.918   1.00 50.44 ? 29  SER A CB  1 
ATOM   234 O OG  . SER A 1 31 ? -4.133  5.234   4.100   1.00 54.13 ? 29  SER A OG  1 
ATOM   235 N N   . PRO A 1 32 ? -4.244  5.503   8.059   1.00 44.04 ? 30  PRO A N   1 
ATOM   236 C CA  . PRO A 1 32 ? -3.905  4.487   9.055   1.00 45.53 ? 30  PRO A CA  1 
ATOM   237 C C   . PRO A 1 32 ? -3.819  3.111   8.416   1.00 42.80 ? 30  PRO A C   1 
ATOM   238 O O   . PRO A 1 32 ? -4.507  2.826   7.438   1.00 43.79 ? 30  PRO A O   1 
ATOM   239 C CB  . PRO A 1 32 ? -5.045  4.600   10.067  1.00 48.09 ? 30  PRO A CB  1 
ATOM   240 C CG  . PRO A 1 32 ? -6.192  5.045   9.220   1.00 46.43 ? 30  PRO A CG  1 
ATOM   241 C CD  . PRO A 1 32 ? -5.554  6.104   8.363   1.00 47.20 ? 30  PRO A CD  1 
ATOM   242 N N   . PHE A 1 33 ? -2.960  2.266   8.970   1.00 39.85 ? 31  PHE A N   1 
ATOM   243 C CA  . PHE A 1 33 ? -2.769  0.922   8.455   1.00 38.49 ? 31  PHE A CA  1 
ATOM   244 C C   . PHE A 1 33 ? -3.922  0.035   8.908   1.00 36.04 ? 31  PHE A C   1 
ATOM   245 O O   . PHE A 1 33 ? -4.365  0.118   10.054  1.00 35.75 ? 31  PHE A O   1 
ATOM   246 C CB  . PHE A 1 33 ? -1.450  0.358   8.976   1.00 34.96 ? 31  PHE A CB  1 
ATOM   247 C CG  . PHE A 1 33 ? -0.930  -0.810  8.192   1.00 36.62 ? 31  PHE A CG  1 
ATOM   248 C CD1 . PHE A 1 33 ? -0.642  -0.679  6.837   1.00 34.08 ? 31  PHE A CD1 1 
ATOM   249 C CD2 . PHE A 1 33 ? -0.684  -2.030  8.814   1.00 30.71 ? 31  PHE A CD2 1 
ATOM   250 C CE1 . PHE A 1 33 ? -0.116  -1.741  6.118   1.00 33.63 ? 31  PHE A CE1 1 
ATOM   251 C CE2 . PHE A 1 33 ? -0.160  -3.097  8.102   1.00 33.74 ? 31  PHE A CE2 1 
ATOM   252 C CZ  . PHE A 1 33 ? 0.127   -2.953  6.752   1.00 34.27 ? 31  PHE A CZ  1 
ATOM   253 N N   . HIS A 1 34 ? -4.409  -0.799  8.000   1.00 35.41 ? 32  HIS A N   1 
ATOM   254 C CA  . HIS A 1 34 ? -5.497  -1.720  8.305   1.00 37.68 ? 32  HIS A CA  1 
ATOM   255 C C   . HIS A 1 34 ? -5.009  -3.130  7.999   1.00 38.04 ? 32  HIS A C   1 
ATOM   256 O O   . HIS A 1 34 ? -5.258  -3.669  6.922   1.00 36.12 ? 32  HIS A O   1 
ATOM   257 C CB  . HIS A 1 34 ? -6.735  -1.396  7.462   1.00 41.76 ? 32  HIS A CB  1 
ATOM   258 C CG  . HIS A 1 34 ? -7.364  -0.076  7.791   1.00 47.35 ? 32  HIS A CG  1 
ATOM   259 N ND1 . HIS A 1 34 ? -7.750  0.269   9.069   1.00 52.85 ? 32  HIS A ND1 1 
ATOM   260 C CD2 . HIS A 1 34 ? -7.683  0.981   7.005   1.00 50.99 ? 32  HIS A CD2 1 
ATOM   261 C CE1 . HIS A 1 34 ? -8.277  1.481   9.058   1.00 53.40 ? 32  HIS A CE1 1 
ATOM   262 N NE2 . HIS A 1 34 ? -8.249  1.935   7.818   1.00 53.27 ? 32  HIS A NE2 1 
ATOM   263 N N   . PRO A 1 35 ? -4.297  -3.746  8.953   1.00 39.04 ? 33  PRO A N   1 
ATOM   264 C CA  . PRO A 1 35 ? -3.788  -5.097  8.740   1.00 41.31 ? 33  PRO A CA  1 
ATOM   265 C C   . PRO A 1 35 ? -4.896  -6.135  8.646   1.00 42.64 ? 33  PRO A C   1 
ATOM   266 O O   . PRO A 1 35 ? -5.921  -6.025  9.318   1.00 41.92 ? 33  PRO A O   1 
ATOM   267 C CB  . PRO A 1 35 ? -2.878  -5.311  9.947   1.00 42.64 ? 33  PRO A CB  1 
ATOM   268 C CG  . PRO A 1 35 ? -3.556  -4.531  11.014  1.00 43.68 ? 33  PRO A CG  1 
ATOM   269 C CD  . PRO A 1 35 ? -3.950  -3.259  10.301  1.00 42.14 ? 33  PRO A CD  1 
ATOM   270 N N   . LEU A 1 36 ? -4.684  -7.128  7.791   1.00 43.00 ? 34  LEU A N   1 
ATOM   271 C CA  . LEU A 1 36 ? -5.641  -8.207  7.600   1.00 47.22 ? 34  LEU A CA  1 
ATOM   272 C C   . LEU A 1 36 ? -4.881  -9.522  7.665   1.00 49.81 ? 34  LEU A C   1 
ATOM   273 O O   . LEU A 1 36 ? -3.651  -9.536  7.768   1.00 48.58 ? 34  LEU A O   1 
ATOM   274 C CB  . LEU A 1 36 ? -6.332  -8.085  6.240   1.00 48.61 ? 34  LEU A CB  1 
ATOM   275 C CG  . LEU A 1 36 ? -7.192  -6.844  5.981   1.00 51.68 ? 34  LEU A CG  1 
ATOM   276 C CD1 . LEU A 1 36 ? -7.757  -6.909  4.568   1.00 50.49 ? 34  LEU A CD1 1 
ATOM   277 C CD2 . LEU A 1 36 ? -8.314  -6.766  7.001   1.00 51.92 ? 34  LEU A CD2 1 
ATOM   278 N N   . ALA A 1 37 ? -5.613  -10.627 7.599   1.00 52.55 ? 35  ALA A N   1 
ATOM   279 C CA  . ALA A 1 37 ? -4.994  -11.944 7.649   1.00 54.11 ? 35  ALA A CA  1 
ATOM   280 C C   . ALA A 1 37 ? -4.349  -12.300 6.314   1.00 54.71 ? 35  ALA A C   1 
ATOM   281 O O   . ALA A 1 37 ? -4.727  -11.767 5.270   1.00 53.74 ? 35  ALA A O   1 
ATOM   282 C CB  . ALA A 1 37 ? -6.036  -12.991 8.020   1.00 56.11 ? 35  ALA A CB  1 
ATOM   283 N N   . ASP A 1 38 ? -3.370  -13.200 6.365   1.00 55.97 ? 36  ASP A N   1 
ATOM   284 C CA  . ASP A 1 38 ? -2.655  -13.670 5.180   1.00 57.24 ? 36  ASP A CA  1 
ATOM   285 C C   . ASP A 1 38 ? -1.664  -12.672 4.588   1.00 56.16 ? 36  ASP A C   1 
ATOM   286 O O   . ASP A 1 38 ? -1.489  -12.608 3.372   1.00 54.83 ? 36  ASP A O   1 
ATOM   287 C CB  . ASP A 1 38 ? -3.656  -14.109 4.108   1.00 62.13 ? 36  ASP A CB  1 
ATOM   288 C CG  . ASP A 1 38 ? -4.629  -15.157 4.616   1.00 67.08 ? 36  ASP A CG  1 
ATOM   289 O OD1 . ASP A 1 38 ? -4.172  -16.240 5.036   1.00 70.94 ? 36  ASP A OD1 1 
ATOM   290 O OD2 . ASP A 1 38 ? -5.851  -14.897 4.594   1.00 69.58 ? 36  ASP A OD2 1 
ATOM   291 N N   . ASN A 1 39 ? -1.011  -11.903 5.453   1.00 55.72 ? 37  ASN A N   1 
ATOM   292 C CA  . ASN A 1 39 ? -0.016  -10.923 5.027   1.00 55.15 ? 37  ASN A CA  1 
ATOM   293 C C   . ASN A 1 39 ? -0.595  -9.834  4.124   1.00 52.30 ? 37  ASN A C   1 
ATOM   294 O O   . ASN A 1 39 ? 0.090   -9.338  3.232   1.00 52.14 ? 37  ASN A O   1 
ATOM   295 C CB  . ASN A 1 39 ? 1.127   -11.622 4.283   1.00 58.10 ? 37  ASN A CB  1 
ATOM   296 C CG  . ASN A 1 39 ? 1.545   -12.927 4.938   1.00 60.67 ? 37  ASN A CG  1 
ATOM   297 O OD1 . ASN A 1 39 ? 1.839   -12.973 6.131   1.00 62.07 ? 37  ASN A OD1 1 
ATOM   298 N ND2 . ASN A 1 39 ? 1.583   -13.996 4.150   1.00 62.14 ? 37  ASN A ND2 1 
ATOM   299 N N   . LYS A 1 40 ? -1.849  -9.460  4.355   1.00 48.78 ? 38  LYS A N   1 
ATOM   300 C CA  . LYS A 1 40 ? -2.486  -8.437  3.534   1.00 43.93 ? 38  LYS A CA  1 
ATOM   301 C C   . LYS A 1 40 ? -2.894  -7.210  4.343   1.00 39.94 ? 38  LYS A C   1 
ATOM   302 O O   . LYS A 1 40 ? -2.824  -7.209  5.574   1.00 40.61 ? 38  LYS A O   1 
ATOM   303 C CB  . LYS A 1 40 ? -3.731  -9.013  2.856   1.00 45.07 ? 38  LYS A CB  1 
ATOM   304 C CG  . LYS A 1 40 ? -3.476  -10.214 1.961   1.00 49.77 ? 38  LYS A CG  1 
ATOM   305 C CD  . LYS A 1 40 ? -4.790  -10.820 1.491   1.00 53.29 ? 38  LYS A CD  1 
ATOM   306 C CE  . LYS A 1 40 ? -4.568  -12.004 0.561   1.00 55.95 ? 38  LYS A CE  1 
ATOM   307 N NZ  . LYS A 1 40 ? -3.922  -11.594 -0.716  1.00 60.13 ? 38  LYS A NZ  1 
ATOM   308 N N   . PHE A 1 41 ? -3.309  -6.161  3.634   1.00 34.83 ? 39  PHE A N   1 
ATOM   309 C CA  . PHE A 1 41 ? -3.778  -4.935  4.271   1.00 34.07 ? 39  PHE A CA  1 
ATOM   310 C C   . PHE A 1 41 ? -4.821  -4.263  3.390   1.00 31.37 ? 39  PHE A C   1 
ATOM   311 O O   . PHE A 1 41 ? -4.843  -4.453  2.172   1.00 34.05 ? 39  PHE A O   1 
ATOM   312 C CB  . PHE A 1 41 ? -2.626  -3.961  4.588   1.00 29.95 ? 39  PHE A CB  1 
ATOM   313 C CG  . PHE A 1 41 ? -1.872  -3.462  3.385   1.00 31.72 ? 39  PHE A CG  1 
ATOM   314 C CD1 . PHE A 1 41 ? -1.006  -4.299  2.691   1.00 29.23 ? 39  PHE A CD1 1 
ATOM   315 C CD2 . PHE A 1 41 ? -2.001  -2.132  2.971   1.00 27.70 ? 39  PHE A CD2 1 
ATOM   316 C CE1 . PHE A 1 41 ? -0.273  -3.824  1.598   1.00 30.52 ? 39  PHE A CE1 1 
ATOM   317 C CE2 . PHE A 1 41 ? -1.277  -1.647  1.881   1.00 24.57 ? 39  PHE A CE2 1 
ATOM   318 C CZ  . PHE A 1 41 ? -0.410  -2.490  1.192   1.00 28.79 ? 39  PHE A CZ  1 
ATOM   319 N N   . ALA A 1 42 ? -5.695  -3.489  4.016   1.00 31.57 ? 40  ALA A N   1 
ATOM   320 C CA  . ALA A 1 42 ? -6.764  -2.815  3.300   1.00 32.51 ? 40  ALA A CA  1 
ATOM   321 C C   . ALA A 1 42 ? -6.696  -1.306  3.450   1.00 33.16 ? 40  ALA A C   1 
ATOM   322 O O   . ALA A 1 42 ? -6.235  -0.786  4.463   1.00 34.63 ? 40  ALA A O   1 
ATOM   323 C CB  . ALA A 1 42 ? -8.111  -3.320  3.791   1.00 30.78 ? 40  ALA A CB  1 
ATOM   324 N N   . LEU A 1 43 ? -7.171  -0.605  2.431   1.00 35.18 ? 41  LEU A N   1 
ATOM   325 C CA  . LEU A 1 43 ? -7.171  0.847   2.457   1.00 35.85 ? 41  LEU A CA  1 
ATOM   326 C C   . LEU A 1 43 ? -8.270  1.364   1.556   1.00 35.89 ? 41  LEU A C   1 
ATOM   327 O O   . LEU A 1 43 ? -8.658  0.699   0.592   1.00 36.26 ? 41  LEU A O   1 
ATOM   328 C CB  . LEU A 1 43 ? -5.814  1.382   1.989   1.00 38.75 ? 41  LEU A CB  1 
ATOM   329 C CG  . LEU A 1 43 ? -5.235  0.757   0.714   1.00 42.18 ? 41  LEU A CG  1 
ATOM   330 C CD1 . LEU A 1 43 ? -6.000  1.251   -0.505  1.00 41.75 ? 41  LEU A CD1 1 
ATOM   331 C CD2 . LEU A 1 43 ? -3.768  1.120   0.597   1.00 44.16 ? 41  LEU A CD2 1 
ATOM   332 N N   . THR A 1 44 ? -8.784  2.548   1.871   1.00 35.64 ? 42  THR A N   1 
ATOM   333 C CA  . THR A 1 44 ? -9.819  3.132   1.038   1.00 36.43 ? 42  THR A CA  1 
ATOM   334 C C   . THR A 1 44 ? -9.103  3.756   -0.143  1.00 34.32 ? 42  THR A C   1 
ATOM   335 O O   . THR A 1 44 ? -8.068  4.400   0.013   1.00 33.78 ? 42  THR A O   1 
ATOM   336 C CB  . THR A 1 44 ? -10.625 4.211   1.786   1.00 40.47 ? 42  THR A CB  1 
ATOM   337 O OG1 . THR A 1 44 ? -11.312 3.609   2.890   1.00 41.81 ? 42  THR A OG1 1 
ATOM   338 C CG2 . THR A 1 44 ? -11.654 4.845   0.855   1.00 40.47 ? 42  THR A CG2 1 
ATOM   339 N N   . CYS A 1 45 ? -9.642  3.547   -1.331  1.00 33.61 ? 43  CYS A N   1 
ATOM   340 C CA  . CYS A 1 45 ? -9.025  4.088   -2.523  1.00 34.12 ? 43  CYS A CA  1 
ATOM   341 C C   . CYS A 1 45 ? -9.120  5.604   -2.646  1.00 34.45 ? 43  CYS A C   1 
ATOM   342 O O   . CYS A 1 45 ? -10.214 6.174   -2.674  1.00 34.25 ? 43  CYS A O   1 
ATOM   343 C CB  . CYS A 1 45 ? -9.638  3.423   -3.751  1.00 33.42 ? 43  CYS A CB  1 
ATOM   344 S SG  . CYS A 1 45 ? -9.100  4.122   -5.334  1.00 34.43 ? 43  CYS A SG  1 
ATOM   345 N N   . THR A 1 46 ? -7.956  6.244   -2.705  1.00 34.35 ? 44  THR A N   1 
ATOM   346 C CA  . THR A 1 46 ? -7.821  7.693   -2.873  1.00 35.33 ? 44  THR A CA  1 
ATOM   347 C C   . THR A 1 46 ? -6.461  7.872   -3.535  1.00 33.94 ? 44  THR A C   1 
ATOM   348 O O   . THR A 1 46 ? -5.623  6.973   -3.462  1.00 31.75 ? 44  THR A O   1 
ATOM   349 C CB  . THR A 1 46 ? -7.797  8.458   -1.525  1.00 40.50 ? 44  THR A CB  1 
ATOM   350 O OG1 . THR A 1 46 ? -6.609  8.116   -0.797  1.00 42.57 ? 44  THR A OG1 1 
ATOM   351 C CG2 . THR A 1 46 ? -9.016  8.118   -0.687  1.00 42.30 ? 44  THR A CG2 1 
ATOM   352 N N   . SER A 1 47 ? -6.235  9.002   -4.197  1.00 33.54 ? 45  SER A N   1 
ATOM   353 C CA  . SER A 1 47 ? -4.936  9.222   -4.823  1.00 35.32 ? 45  SER A CA  1 
ATOM   354 C C   . SER A 1 47 ? -3.950  9.523   -3.710  1.00 34.80 ? 45  SER A C   1 
ATOM   355 O O   . SER A 1 47 ? -3.971  10.604  -3.122  1.00 39.07 ? 45  SER A O   1 
ATOM   356 C CB  . SER A 1 47 ? -4.993  10.383  -5.816  1.00 34.81 ? 45  SER A CB  1 
ATOM   357 O OG  . SER A 1 47 ? -5.664  9.983   -6.996  1.00 36.44 ? 45  SER A OG  1 
ATOM   358 N N   . THR A 1 48 ? -3.087  8.558   -3.411  1.00 33.76 ? 46  THR A N   1 
ATOM   359 C CA  . THR A 1 48 ? -2.135  8.734   -2.330  1.00 28.04 ? 46  THR A CA  1 
ATOM   360 C C   . THR A 1 48 ? -0.868  7.906   -2.524  1.00 27.43 ? 46  THR A C   1 
ATOM   361 O O   . THR A 1 48 ? -0.765  7.111   -3.459  1.00 21.76 ? 46  THR A O   1 
ATOM   362 C CB  . THR A 1 48 ? -2.788  8.354   -0.999  1.00 29.09 ? 46  THR A CB  1 
ATOM   363 O OG1 . THR A 1 48 ? -1.891  8.635   0.081   1.00 37.78 ? 46  THR A OG1 1 
ATOM   364 C CG2 . THR A 1 48 ? -3.155  6.874   -0.986  1.00 28.59 ? 46  THR A CG2 1 
ATOM   365 N N   . HIS A 1 49 ? 0.088   8.120   -1.627  1.00 28.56 ? 47  HIS A N   1 
ATOM   366 C CA  . HIS A 1 49 ? 1.374   7.422   -1.636  1.00 26.92 ? 47  HIS A CA  1 
ATOM   367 C C   . HIS A 1 49 ? 1.637   6.856   -0.245  1.00 26.45 ? 47  HIS A C   1 
ATOM   368 O O   . HIS A 1 49 ? 1.267   7.463   0.765   1.00 29.92 ? 47  HIS A O   1 
ATOM   369 C CB  . HIS A 1 49 ? 2.531   8.392   -1.943  1.00 34.10 ? 47  HIS A CB  1 
ATOM   370 C CG  . HIS A 1 49 ? 2.838   8.568   -3.397  1.00 42.49 ? 47  HIS A CG  1 
ATOM   371 N ND1 . HIS A 1 49 ? 2.011   9.251   -4.263  1.00 48.61 ? 47  HIS A ND1 1 
ATOM   372 C CD2 . HIS A 1 49 ? 3.920   8.200   -4.126  1.00 46.72 ? 47  HIS A CD2 1 
ATOM   373 C CE1 . HIS A 1 49 ? 2.571   9.300   -5.459  1.00 49.00 ? 47  HIS A CE1 1 
ATOM   374 N NE2 . HIS A 1 49 ? 3.729   8.670   -5.402  1.00 51.23 ? 47  HIS A NE2 1 
ATOM   375 N N   . PHE A 1 50 ? 2.263   5.688   -0.182  1.00 23.81 ? 48  PHE A N   1 
ATOM   376 C CA  . PHE A 1 50 ? 2.641   5.110   1.100   1.00 19.61 ? 48  PHE A CA  1 
ATOM   377 C C   . PHE A 1 50 ? 3.872   4.266   0.860   1.00 21.22 ? 48  PHE A C   1 
ATOM   378 O O   . PHE A 1 50 ? 4.233   3.992   -0.293  1.00 18.89 ? 48  PHE A O   1 
ATOM   379 C CB  . PHE A 1 50 ? 1.520   4.286   1.763   1.00 23.61 ? 48  PHE A CB  1 
ATOM   380 C CG  . PHE A 1 50 ? 0.897   3.225   0.884   1.00 24.87 ? 48  PHE A CG  1 
ATOM   381 C CD1 . PHE A 1 50 ? -0.167  3.536   0.042   1.00 27.89 ? 48  PHE A CD1 1 
ATOM   382 C CD2 . PHE A 1 50 ? 1.333   1.903   0.951   1.00 24.90 ? 48  PHE A CD2 1 
ATOM   383 C CE1 . PHE A 1 50 ? -0.792  2.548   -0.717  1.00 23.13 ? 48  PHE A CE1 1 
ATOM   384 C CE2 . PHE A 1 50 ? 0.713   0.907   0.198   1.00 23.56 ? 48  PHE A CE2 1 
ATOM   385 C CZ  . PHE A 1 50 ? -0.352  1.235   -0.636  1.00 25.33 ? 48  PHE A CZ  1 
ATOM   386 N N   . ALA A 1 51 ? 4.522   3.840   1.935   1.00 21.48 ? 49  ALA A N   1 
ATOM   387 C CA  . ALA A 1 51 ? 5.738   3.063   1.763   1.00 19.10 ? 49  ALA A CA  1 
ATOM   388 C C   . ALA A 1 51 ? 5.953   2.032   2.849   1.00 23.54 ? 49  ALA A C   1 
ATOM   389 O O   . ALA A 1 51 ? 5.410   2.148   3.949   1.00 21.13 ? 49  ALA A O   1 
ATOM   390 C CB  . ALA A 1 51 ? 6.929   4.012   1.710   1.00 20.11 ? 49  ALA A CB  1 
ATOM   391 N N   . PHE A 1 52 ? 6.748   1.019   2.514   1.00 22.57 ? 50  PHE A N   1 
ATOM   392 C CA  . PHE A 1 52 ? 7.100   -0.041  3.451   1.00 27.67 ? 50  PHE A CA  1 
ATOM   393 C C   . PHE A 1 52 ? 8.613   -0.131  3.478   1.00 29.53 ? 50  PHE A C   1 
ATOM   394 O O   . PHE A 1 52 ? 9.263   -0.008  2.436   1.00 28.49 ? 50  PHE A O   1 
ATOM   395 C CB  . PHE A 1 52 ? 6.580   -1.409  2.999   1.00 26.34 ? 50  PHE A CB  1 
ATOM   396 C CG  . PHE A 1 52 ? 5.108   -1.609  3.191   1.00 26.43 ? 50  PHE A CG  1 
ATOM   397 C CD1 . PHE A 1 52 ? 4.206   -1.246  2.202   1.00 24.68 ? 50  PHE A CD1 1 
ATOM   398 C CD2 . PHE A 1 52 ? 4.628   -2.200  4.354   1.00 26.23 ? 50  PHE A CD2 1 
ATOM   399 C CE1 . PHE A 1 52 ? 2.838   -1.476  2.366   1.00 28.30 ? 50  PHE A CE1 1 
ATOM   400 C CE2 . PHE A 1 52 ? 3.274   -2.430  4.530   1.00 26.85 ? 50  PHE A CE2 1 
ATOM   401 C CZ  . PHE A 1 52 ? 2.375   -2.070  3.534   1.00 27.76 ? 50  PHE A CZ  1 
ATOM   402 N N   . ALA A 1 53 ? 9.167   -0.340  4.667   1.00 27.56 ? 51  ALA A N   1 
ATOM   403 C CA  . ALA A 1 53 ? 10.607  -0.502  4.831   1.00 29.87 ? 51  ALA A CA  1 
ATOM   404 C C   . ALA A 1 53 ? 10.736  -1.960  5.243   1.00 30.88 ? 51  ALA A C   1 
ATOM   405 O O   . ALA A 1 53 ? 10.098  -2.395  6.202   1.00 29.29 ? 51  ALA A O   1 
ATOM   406 C CB  . ALA A 1 53 ? 11.132  0.416   5.932   1.00 30.49 ? 51  ALA A CB  1 
ATOM   407 N N   . CYS A 1 54 ? 11.539  -2.722  4.509   1.00 31.63 ? 52  CYS A N   1 
ATOM   408 C CA  . CYS A 1 54 ? 11.692  -4.139  4.799   1.00 31.35 ? 52  CYS A CA  1 
ATOM   409 C C   . CYS A 1 54 ? 13.031  -4.484  5.426   1.00 30.28 ? 52  CYS A C   1 
ATOM   410 O O   . CYS A 1 54 ? 14.011  -3.757  5.265   1.00 31.83 ? 52  CYS A O   1 
ATOM   411 C CB  . CYS A 1 54 ? 11.511  -4.956  3.519   1.00 36.18 ? 52  CYS A CB  1 
ATOM   412 S SG  . CYS A 1 54 ? 9.896   -4.720  2.706   1.00 40.19 ? 52  CYS A SG  1 
ATOM   413 N N   . ALA A 1 55 ? 13.055  -5.608  6.134   1.00 32.36 ? 53  ALA A N   1 
ATOM   414 C CA  . ALA A 1 55 ? 14.259  -6.088  6.806   1.00 36.82 ? 53  ALA A CA  1 
ATOM   415 C C   . ALA A 1 55 ? 15.439  -6.296  5.860   1.00 40.01 ? 53  ALA A C   1 
ATOM   416 O O   . ALA A 1 55 ? 16.598  -6.161  6.264   1.00 40.94 ? 53  ALA A O   1 
ATOM   417 C CB  . ALA A 1 55 ? 13.950  -7.385  7.540   1.00 36.59 ? 53  ALA A CB  1 
ATOM   418 N N   . ASP A 1 56 ? 15.160  -6.620  4.602   1.00 39.05 ? 54  ASP A N   1 
ATOM   419 C CA  . ASP A 1 56 ? 16.242  -6.840  3.645   1.00 38.44 ? 54  ASP A CA  1 
ATOM   420 C C   . ASP A 1 56 ? 16.793  -5.531  3.077   1.00 38.11 ? 54  ASP A C   1 
ATOM   421 O O   . ASP A 1 56 ? 17.633  -5.545  2.179   1.00 41.35 ? 54  ASP A O   1 
ATOM   422 C CB  . ASP A 1 56 ? 15.772  -7.747  2.507   1.00 39.98 ? 54  ASP A CB  1 
ATOM   423 C CG  . ASP A 1 56 ? 14.841  -7.044  1.550   1.00 43.79 ? 54  ASP A CG  1 
ATOM   424 O OD1 . ASP A 1 56 ? 13.888  -6.390  2.020   1.00 44.93 ? 54  ASP A OD1 1 
ATOM   425 O OD2 . ASP A 1 56 ? 15.064  -7.151  0.325   1.00 45.94 ? 54  ASP A OD2 1 
ATOM   426 N N   . GLY A 1 57 ? 16.320  -4.403  3.599   1.00 34.45 ? 55  GLY A N   1 
ATOM   427 C CA  . GLY A 1 57 ? 16.805  -3.118  3.131   1.00 33.73 ? 55  GLY A CA  1 
ATOM   428 C C   . GLY A 1 57 ? 16.056  -2.552  1.941   1.00 36.15 ? 55  GLY A C   1 
ATOM   429 O O   . GLY A 1 57 ? 16.378  -1.465  1.460   1.00 37.91 ? 55  GLY A O   1 
ATOM   430 N N   . THR A 1 58 ? 15.061  -3.281  1.452   1.00 35.86 ? 56  THR A N   1 
ATOM   431 C CA  . THR A 1 58 ? 14.289  -2.796  0.315   1.00 36.11 ? 56  THR A CA  1 
ATOM   432 C C   . THR A 1 58 ? 13.161  -1.900  0.804   1.00 35.09 ? 56  THR A C   1 
ATOM   433 O O   . THR A 1 58 ? 12.491  -2.212  1.790   1.00 31.66 ? 56  THR A O   1 
ATOM   434 C CB  . THR A 1 58 ? 13.658  -3.952  -0.495  1.00 38.73 ? 56  THR A CB  1 
ATOM   435 O OG1 . THR A 1 58 ? 14.680  -4.839  -0.956  1.00 39.11 ? 56  THR A OG1 1 
ATOM   436 C CG2 . THR A 1 58 ? 12.903  -3.401  -1.702  1.00 42.74 ? 56  THR A CG2 1 
ATOM   437 N N   . ARG A 1 59 ? 12.970  -0.770  0.131   1.00 31.46 ? 57  ARG A N   1 
ATOM   438 C CA  . ARG A 1 59 ? 11.881  0.124   0.485   1.00 31.66 ? 57  ARG A CA  1 
ATOM   439 C C   . ARG A 1 59 ? 10.943  0.103   -0.706  1.00 31.64 ? 57  ARG A C   1 
ATOM   440 O O   . ARG A 1 59 ? 11.379  0.232   -1.858  1.00 28.94 ? 57  ARG A O   1 
ATOM   441 C CB  . ARG A 1 59 ? 12.370  1.552   0.732   1.00 33.68 ? 57  ARG A CB  1 
ATOM   442 C CG  . ARG A 1 59 ? 11.246  2.513   1.124   1.00 43.95 ? 57  ARG A CG  1 
ATOM   443 C CD  . ARG A 1 59 ? 11.778  3.895   1.464   1.00 53.00 ? 57  ARG A CD  1 
ATOM   444 N NE  . ARG A 1 59 ? 10.708  4.829   1.809   1.00 59.51 ? 57  ARG A NE  1 
ATOM   445 C CZ  . ARG A 1 59 ? 10.909  6.085   2.200   1.00 63.22 ? 57  ARG A CZ  1 
ATOM   446 N NH1 . ARG A 1 59 ? 12.143  6.566   2.297   1.00 63.27 ? 57  ARG A NH1 1 
ATOM   447 N NH2 . ARG A 1 59 ? 9.874   6.867   2.486   1.00 64.25 ? 57  ARG A NH2 1 
ATOM   448 N N   . HIS A 1 60 ? 9.660   -0.084  -0.426  1.00 29.79 ? 58  HIS A N   1 
ATOM   449 C CA  . HIS A 1 60 ? 8.652   -0.133  -1.473  1.00 27.88 ? 58  HIS A CA  1 
ATOM   450 C C   . HIS A 1 60 ? 7.774   1.088   -1.359  1.00 26.93 ? 58  HIS A C   1 
ATOM   451 O O   . HIS A 1 60 ? 7.169   1.305   -0.310  1.00 24.87 ? 58  HIS A O   1 
ATOM   452 C CB  . HIS A 1 60 ? 7.768   -1.368  -1.311  1.00 29.22 ? 58  HIS A CB  1 
ATOM   453 C CG  . HIS A 1 60 ? 8.482   -2.667  -1.504  1.00 33.09 ? 58  HIS A CG  1 
ATOM   454 N ND1 . HIS A 1 60 ? 9.390   -3.163  -0.595  1.00 37.35 ? 58  HIS A ND1 1 
ATOM   455 C CD2 . HIS A 1 60 ? 8.390   -3.594  -2.485  1.00 31.22 ? 58  HIS A CD2 1 
ATOM   456 C CE1 . HIS A 1 60 ? 9.824   -4.340  -1.007  1.00 34.16 ? 58  HIS A CE1 1 
ATOM   457 N NE2 . HIS A 1 60 ? 9.233   -4.625  -2.152  1.00 36.82 ? 58  HIS A NE2 1 
ATOM   458 N N   . THR A 1 61 ? 7.704   1.884   -2.424  1.00 22.36 ? 59  THR A N   1 
ATOM   459 C CA  . THR A 1 61 ? 6.859   3.076   -2.412  1.00 23.65 ? 59  THR A CA  1 
ATOM   460 C C   . THR A 1 61 ? 5.689   2.783   -3.334  1.00 23.43 ? 59  THR A C   1 
ATOM   461 O O   . THR A 1 61 ? 5.877   2.336   -4.474  1.00 20.52 ? 59  THR A O   1 
ATOM   462 C CB  . THR A 1 61 ? 7.621   4.315   -2.904  1.00 29.01 ? 59  THR A CB  1 
ATOM   463 O OG1 . THR A 1 61 ? 8.739   4.558   -2.040  1.00 39.05 ? 59  THR A OG1 1 
ATOM   464 C CG2 . THR A 1 61 ? 6.712   5.530   -2.908  1.00 27.13 ? 59  THR A CG2 1 
ATOM   465 N N   . TYR A 1 62 ? 4.479   3.012   -2.827  1.00 21.87 ? 60  TYR A N   1 
ATOM   466 C CA  . TYR A 1 62 ? 3.265   2.743   -3.571  1.00 22.49 ? 60  TYR A CA  1 
ATOM   467 C C   . TYR A 1 62 ? 2.542   4.029   -3.902  1.00 24.23 ? 60  TYR A C   1 
ATOM   468 O O   . TYR A 1 62 ? 2.496   4.962   -3.092  1.00 22.87 ? 60  TYR A O   1 
ATOM   469 C CB  . TYR A 1 62 ? 2.297   1.888   -2.749  1.00 24.17 ? 60  TYR A CB  1 
ATOM   470 C CG  . TYR A 1 62 ? 2.691   0.452   -2.534  1.00 25.20 ? 60  TYR A CG  1 
ATOM   471 C CD1 . TYR A 1 62 ? 3.794   0.115   -1.753  1.00 30.38 ? 60  TYR A CD1 1 
ATOM   472 C CD2 . TYR A 1 62 ? 1.945   -0.578  -3.107  1.00 23.43 ? 60  TYR A CD2 1 
ATOM   473 C CE1 . TYR A 1 62 ? 4.143   -1.217  -1.544  1.00 29.30 ? 60  TYR A CE1 1 
ATOM   474 C CE2 . TYR A 1 62 ? 2.285   -1.904  -2.914  1.00 25.10 ? 60  TYR A CE2 1 
ATOM   475 C CZ  . TYR A 1 62 ? 3.383   -2.219  -2.132  1.00 29.26 ? 60  TYR A CZ  1 
ATOM   476 O OH  . TYR A 1 62 ? 3.709   -3.538  -1.950  1.00 28.50 ? 60  TYR A OH  1 
ATOM   477 N N   . GLN A 1 63 ? 1.982   4.069   -5.104  1.00 21.92 ? 61  GLN A N   1 
ATOM   478 C CA  . GLN A 1 63 ? 1.205   5.210   -5.535  1.00 24.77 ? 61  GLN A CA  1 
ATOM   479 C C   . GLN A 1 63 ? -0.118  4.645   -6.021  1.00 24.50 ? 61  GLN A C   1 
ATOM   480 O O   . GLN A 1 63 ? -0.149  3.749   -6.869  1.00 23.75 ? 61  GLN A O   1 
ATOM   481 C CB  . GLN A 1 63 ? 1.904   5.958   -6.675  1.00 29.06 ? 61  GLN A CB  1 
ATOM   482 C CG  . GLN A 1 63 ? 1.019   6.979   -7.378  1.00 40.30 ? 61  GLN A CG  1 
ATOM   483 C CD  . GLN A 1 63 ? 1.783   7.863   -8.350  1.00 43.53 ? 61  GLN A CD  1 
ATOM   484 O OE1 . GLN A 1 63 ? 2.555   7.379   -9.174  1.00 51.63 ? 61  GLN A OE1 1 
ATOM   485 N NE2 . GLN A 1 63 ? 1.559   9.168   -8.261  1.00 44.99 ? 61  GLN A NE2 1 
ATOM   486 N N   . LEU A 1 64 ? -1.210  5.150   -5.454  1.00 23.97 ? 62  LEU A N   1 
ATOM   487 C CA  . LEU A 1 64 ? -2.536  4.722   -5.852  1.00 27.77 ? 62  LEU A CA  1 
ATOM   488 C C   . LEU A 1 64 ? -3.123  5.902   -6.606  1.00 27.40 ? 62  LEU A C   1 
ATOM   489 O O   . LEU A 1 64 ? -3.008  7.040   -6.160  1.00 29.24 ? 62  LEU A O   1 
ATOM   490 C CB  . LEU A 1 64 ? -3.421  4.420   -4.634  1.00 30.67 ? 62  LEU A CB  1 
ATOM   491 C CG  . LEU A 1 64 ? -3.235  3.146   -3.810  1.00 31.02 ? 62  LEU A CG  1 
ATOM   492 C CD1 . LEU A 1 64 ? -4.327  3.081   -2.754  1.00 30.84 ? 62  LEU A CD1 1 
ATOM   493 C CD2 . LEU A 1 64 ? -3.313  1.923   -4.710  1.00 33.86 ? 62  LEU A CD2 1 
ATOM   494 N N   . ARG A 1 65 ? -3.718  5.624   -7.757  1.00 25.87 ? 63  ARG A N   1 
ATOM   495 C CA  . ARG A 1 65 ? -4.345  6.653   -8.571  1.00 32.61 ? 63  ARG A CA  1 
ATOM   496 C C   . ARG A 1 65 ? -5.842  6.393   -8.478  1.00 32.44 ? 63  ARG A C   1 
ATOM   497 O O   . ARG A 1 65 ? -6.334  5.393   -8.993  1.00 30.97 ? 63  ARG A O   1 
ATOM   498 C CB  . ARG A 1 65 ? -3.879  6.534   -10.024 1.00 37.97 ? 63  ARG A CB  1 
ATOM   499 C CG  . ARG A 1 65 ? -4.748  7.293   -11.017 1.00 46.02 ? 63  ARG A CG  1 
ATOM   500 C CD  . ARG A 1 65 ? -4.683  8.786   -10.787 1.00 50.41 ? 63  ARG A CD  1 
ATOM   501 N NE  . ARG A 1 65 ? -3.835  9.443   -11.774 1.00 59.50 ? 63  ARG A NE  1 
ATOM   502 C CZ  . ARG A 1 65 ? -4.082  9.453   -13.081 1.00 63.11 ? 63  ARG A CZ  1 
ATOM   503 N NH1 . ARG A 1 65 ? -5.157  8.840   -13.563 1.00 64.15 ? 63  ARG A NH1 1 
ATOM   504 N NH2 . ARG A 1 65 ? -3.254  10.078  -13.908 1.00 66.38 ? 63  ARG A NH2 1 
ATOM   505 N N   . ALA A 1 66 ? -6.559  7.276   -7.795  1.00 34.11 ? 64  ALA A N   1 
ATOM   506 C CA  . ALA A 1 66 ? -7.996  7.111   -7.646  1.00 35.30 ? 64  ALA A CA  1 
ATOM   507 C C   . ALA A 1 66 ? -8.693  7.639   -8.895  1.00 34.94 ? 64  ALA A C   1 
ATOM   508 O O   . ALA A 1 66 ? -8.373  8.722   -9.381  1.00 37.30 ? 64  ALA A O   1 
ATOM   509 C CB  . ALA A 1 66 ? -8.481  7.859   -6.415  1.00 35.03 ? 64  ALA A CB  1 
ATOM   510 N N   . ARG A 1 67 ? -9.635  6.866   -9.415  1.00 35.77 ? 65  ARG A N   1 
ATOM   511 C CA  . ARG A 1 67 ? -10.362 7.275   -10.603 1.00 39.36 ? 65  ARG A CA  1 
ATOM   512 C C   . ARG A 1 67 ? -11.855 7.065   -10.409 1.00 38.69 ? 65  ARG A C   1 
ATOM   513 O O   . ARG A 1 67 ? -12.273 6.257   -9.582  1.00 38.45 ? 65  ARG A O   1 
ATOM   514 C CB  . ARG A 1 67 ? -9.874  6.485   -11.819 1.00 42.72 ? 65  ARG A CB  1 
ATOM   515 C CG  . ARG A 1 67 ? -9.933  4.980   -11.647 1.00 48.92 ? 65  ARG A CG  1 
ATOM   516 C CD  . ARG A 1 67 ? -9.244  4.271   -12.801 1.00 56.47 ? 65  ARG A CD  1 
ATOM   517 N NE  . ARG A 1 67 ? -9.162  2.828   -12.589 1.00 63.64 ? 65  ARG A NE  1 
ATOM   518 C CZ  . ARG A 1 67 ? -10.215 2.018   -12.514 1.00 64.30 ? 65  ARG A CZ  1 
ATOM   519 N NH1 . ARG A 1 67 ? -11.442 2.508   -12.635 1.00 65.18 ? 65  ARG A NH1 1 
ATOM   520 N NH2 . ARG A 1 67 ? -10.039 0.718   -12.320 1.00 64.22 ? 65  ARG A NH2 1 
ATOM   521 N N   . SER A 1 68 ? -12.656 7.797   -11.172 1.00 41.89 ? 66  SER A N   1 
ATOM   522 C CA  . SER A 1 68 ? -14.102 7.681   -11.068 1.00 46.81 ? 66  SER A CA  1 
ATOM   523 C C   . SER A 1 68 ? -14.618 6.444   -11.793 1.00 50.20 ? 66  SER A C   1 
ATOM   524 O O   . SER A 1 68 ? -13.863 5.744   -12.469 1.00 49.89 ? 66  SER A O   1 
ATOM   525 C CB  . SER A 1 68 ? -14.774 8.933   -11.636 1.00 46.15 ? 66  SER A CB  1 
ATOM   526 O OG  . SER A 1 68 ? -14.453 9.107   -13.005 1.00 50.62 ? 66  SER A OG  1 
ATOM   527 N N   . VAL A 1 69 ? -15.917 6.199   -11.645 1.00 55.07 ? 67  VAL A N   1 
ATOM   528 C CA  . VAL A 1 69 ? -16.621 5.065   -12.244 1.00 59.61 ? 67  VAL A CA  1 
ATOM   529 C C   . VAL A 1 69 ? -16.136 3.742   -11.669 1.00 62.17 ? 67  VAL A C   1 
ATOM   530 O O   . VAL A 1 69 ? -16.996 2.948   -11.228 1.00 63.42 ? 67  VAL A O   1 
ATOM   531 C CB  . VAL A 1 69 ? -16.501 5.045   -13.809 1.00 59.47 ? 67  VAL A CB  1 
ATOM   532 C CG1 . VAL A 1 69 ? -16.437 6.469   -14.344 1.00 61.71 ? 67  VAL A CG1 1 
ATOM   533 C CG2 . VAL A 1 69 ? -15.305 4.226   -14.262 1.00 59.56 ? 67  VAL A CG2 1 
HETATM 534 O O   . HOH B 2 .  ? 5.109   4.606   -6.792  1.00 40.18 ? 100 HOH A O   1 
HETATM 535 O O   . HOH B 2 .  ? 0.643   1.182   -5.960  1.00 34.95 ? 101 HOH A O   1 
HETATM 536 O O   . HOH B 2 .  ? -3.857  -0.361  5.199   1.00 34.65 ? 102 HOH A O   1 
HETATM 537 O O   . HOH B 2 .  ? 8.289   6.704   -0.462  1.00 37.31 ? 103 HOH A O   1 
HETATM 538 O O   . HOH B 2 .  ? -1.092  7.111   2.025   1.00 36.92 ? 104 HOH A O   1 
HETATM 539 O O   . HOH B 2 .  ? 2.135   -5.434  -2.810  1.00 37.39 ? 105 HOH A O   1 
HETATM 540 O O   . HOH B 2 .  ? -7.047  5.844   1.827   1.00 46.14 ? 106 HOH A O   1 
HETATM 541 O O   . HOH B 2 .  ? 10.818  3.491   -2.770  1.00 40.29 ? 107 HOH A O   1 
HETATM 542 O O   . HOH B 2 .  ? -7.720  3.866   4.350   1.00 43.44 ? 108 HOH A O   1 
HETATM 543 O O   . HOH B 2 .  ? 2.546   -3.182  -7.567  1.00 48.13 ? 109 HOH A O   1 
HETATM 544 O O   . HOH B 2 .  ? 9.957   4.166   5.000   1.00 50.69 ? 110 HOH A O   1 
HETATM 545 O O   . HOH B 2 .  ? 17.137  -5.944  8.889   1.00 49.73 ? 111 HOH A O   1 
HETATM 546 O O   . HOH B 2 .  ? 8.085   2.917   5.925   1.00 51.95 ? 112 HOH A O   1 
HETATM 547 O O   . HOH B 2 .  ? -1.597  2.474   11.580  1.00 47.87 ? 113 HOH A O   1 
HETATM 548 O O   . HOH B 2 .  ? -3.202  2.028   4.324   1.00 44.09 ? 114 HOH A O   1 
HETATM 549 O O   . HOH B 2 .  ? -0.787  -6.667  -3.544  1.00 46.42 ? 115 HOH A O   1 
HETATM 550 O O   . HOH B 2 .  ? -4.312  6.898   2.213   1.00 53.03 ? 116 HOH A O   1 
HETATM 551 O O   . HOH B 2 .  ? 5.626   7.294   0.105   1.00 46.00 ? 117 HOH A O   1 
HETATM 552 O O   . HOH B 2 .  ? 10.640  -7.429  -0.987  1.00 51.31 ? 118 HOH A O   1 
HETATM 553 O O   . HOH B 2 .  ? 3.600   11.347  -1.395  1.00 54.23 ? 119 HOH A O   1 
HETATM 554 O O   . HOH B 2 .  ? -2.267  4.986   2.484   1.00 48.18 ? 120 HOH A O   1 
HETATM 555 O O   . HOH B 2 .  ? 14.920  12.216  -5.316  1.00 54.49 ? 121 HOH A O   1 
HETATM 556 O O   . HOH B 2 .  ? 3.752   -4.662  9.065   1.00 42.19 ? 122 HOH A O   1 
HETATM 557 O O   . HOH B 2 .  ? -5.500  12.579  -2.332  1.00 49.50 ? 123 HOH A O   1 
HETATM 558 O O   . HOH B 2 .  ? -12.267 10.045  -8.825  1.00 50.22 ? 124 HOH A O   1 
HETATM 559 O O   . HOH B 2 .  ? -1.583  9.968   -7.913  1.00 58.35 ? 125 HOH A O   1 
HETATM 560 O O   . HOH B 2 .  ? -4.087  -1.031  -11.625 1.00 48.50 ? 126 HOH A O   1 
HETATM 561 O O   . HOH B 2 .  ? 17.340  1.554   -5.631  1.00 51.79 ? 127 HOH A O   1 
HETATM 562 O O   . HOH B 2 .  ? -10.803 -0.814  -7.608  1.00 51.16 ? 128 HOH A O   1 
HETATM 563 O O   . HOH B 2 .  ? -15.294 -1.941  -2.131  1.00 54.01 ? 129 HOH A O   1 
HETATM 564 O O   . HOH B 2 .  ? 15.513  4.613   0.983   1.00 56.52 ? 130 HOH A O   1 
HETATM 565 O O   . HOH B 2 .  ? -2.539  6.018   -15.106 1.00 57.36 ? 131 HOH A O   1 
HETATM 566 O O   . HOH B 2 .  ? 15.809  2.123   0.894   1.00 56.11 ? 132 HOH A O   1 
HETATM 567 O O   . HOH B 2 .  ? 19.895  -0.720  0.749   1.00 56.96 ? 133 HOH A O   1 
HETATM 568 O O   . HOH B 2 .  ? -5.511  10.411  0.767   1.00 59.94 ? 134 HOH A O   1 
HETATM 569 O O   . HOH B 2 .  ? 9.942   -16.261 5.098   1.00 53.15 ? 135 HOH A O   1 
HETATM 570 O O   . HOH B 2 .  ? -0.563  11.223  -4.537  1.00 42.93 ? 136 HOH A O   1 
HETATM 571 O O   . HOH B 2 .  ? 12.147  -17.500 2.746   1.00 56.47 ? 137 HOH A O   1 
HETATM 572 O O   . HOH B 2 .  ? 12.910  -8.205  4.101   1.00 58.27 ? 138 HOH A O   1 
HETATM 573 O O   . HOH B 2 .  ? -8.731  -9.810  9.094   1.00 56.94 ? 139 HOH A O   1 
HETATM 574 O O   . HOH B 2 .  ? -17.278 3.796   -5.007  1.00 55.33 ? 140 HOH A O   1 
HETATM 575 O O   . HOH B 2 .  ? -1.474  -15.993 2.815   1.00 63.11 ? 141 HOH A O   1 
HETATM 576 O O   . HOH B 2 .  ? 3.121   -8.793  8.892   1.00 59.03 ? 142 HOH A O   1 
HETATM 577 O O   . HOH B 2 .  ? 17.179  6.844   -4.300  1.00 53.89 ? 143 HOH A O   1 
HETATM 578 O O   . HOH B 2 .  ? 4.272   -5.771  6.575   1.00 53.16 ? 144 HOH A O   1 
HETATM 579 O O   . HOH B 2 .  ? -15.042 6.714   4.570   1.00 54.94 ? 145 HOH A O   1 
HETATM 580 O O   . HOH B 2 .  ? -6.256  10.871  5.929   1.00 55.88 ? 146 HOH A O   1 
HETATM 581 O O   . HOH B 2 .  ? -8.244  -8.952  -7.122  1.00 63.53 ? 147 HOH A O   1 
HETATM 582 O O   . HOH B 2 .  ? 8.228   11.235  -3.021  1.00 58.43 ? 148 HOH A O   1 
HETATM 583 O O   . HOH B 2 .  ? 11.018  6.306   9.064   1.00 56.76 ? 149 HOH A O   1 
HETATM 584 O O   . HOH B 2 .  ? 10.268  3.855   7.583   1.00 65.57 ? 150 HOH A O   1 
HETATM 585 O O   . HOH B 2 .  ? -21.380 3.701   -14.243 1.00 62.17 ? 151 HOH A O   1 
HETATM 586 O O   . HOH B 2 .  ? 11.552  -7.516  -4.560  1.00 64.19 ? 152 HOH A O   1 
HETATM 587 O O   . HOH B 2 .  ? -12.902 -5.033  -1.952  1.00 53.99 ? 153 HOH A O   1 
HETATM 588 O O   . HOH B 2 .  ? -5.059  -8.452  11.182  1.00 47.27 ? 154 HOH A O   1 
HETATM 589 O O   . HOH B 2 .  ? -0.325  8.846   -5.442  1.00 61.29 ? 155 HOH A O   1 
HETATM 590 O O   . HOH B 2 .  ? 11.941  5.977   -2.328  1.00 62.71 ? 156 HOH A O   1 
HETATM 591 O O   . HOH B 2 .  ? -12.474 -8.775  -5.479  1.00 52.63 ? 157 HOH A O   1 
HETATM 592 O O   . HOH B 2 .  ? -1.081  9.507   -12.064 1.00 52.29 ? 158 HOH A O   1 
HETATM 593 O O   . HOH B 2 .  ? 4.815   -10.687 1.870   1.00 50.42 ? 159 HOH A O   1 
HETATM 594 O O   . HOH B 2 .  ? -3.712  12.132  6.303   1.00 51.50 ? 160 HOH A O   1 
HETATM 595 O O   . HOH B 2 .  ? 8.456   10.241  8.406   1.00 60.15 ? 161 HOH A O   1 
HETATM 596 O O   . HOH B 2 .  ? 2.845   13.386  2.302   1.00 58.76 ? 162 HOH A O   1 
HETATM 597 O O   . HOH B 2 .  ? 19.909  5.441   -2.885  1.00 63.85 ? 163 HOH A O   1 
HETATM 598 O O   . HOH B 2 .  ? -8.127  12.665  -2.486  1.00 69.29 ? 164 HOH A O   1 
HETATM 599 O O   . HOH B 2 .  ? 7.321   8.139   3.053   1.00 70.56 ? 165 HOH A O   1 
HETATM 600 O O   . HOH B 2 .  ? -7.460  13.159  -6.672  1.00 64.97 ? 166 HOH A O   1 
HETATM 601 O O   . HOH B 2 .  ? -10.037 -2.884  8.651   1.00 69.62 ? 167 HOH A O   1 
HETATM 602 O O   . HOH B 2 .  ? 0.347   -1.780  -6.292  1.00 57.05 ? 168 HOH A O   1 
HETATM 603 O O   . HOH B 2 .  ? 4.536   -12.789 3.308   1.00 67.49 ? 169 HOH A O   1 
HETATM 604 O O   . HOH B 2 .  ? -7.036  -17.439 4.347   1.00 65.15 ? 170 HOH A O   1 
HETATM 605 O O   . HOH B 2 .  ? -13.750 -5.010  1.790   1.00 62.36 ? 171 HOH A O   1 
HETATM 606 O O   . HOH B 2 .  ? -2.751  -15.913 -5.860  1.00 63.37 ? 172 HOH A O   1 
HETATM 607 O O   . HOH B 2 .  ? -7.624  -8.091  10.838  1.00 55.69 ? 173 HOH A O   1 
HETATM 608 O O   . HOH B 2 .  ? -4.826  -9.635  -2.323  1.00 62.64 ? 174 HOH A O   1 
HETATM 609 O O   . HOH B 2 .  ? -5.870  -12.144 -4.619  1.00 61.22 ? 175 HOH A O   1 
HETATM 610 O O   . HOH B 2 .  ? -10.926 -5.834  9.008   1.00 57.38 ? 176 HOH A O   1 
HETATM 611 O O   . HOH B 2 .  ? 12.503  -12.300 5.100   1.00 58.92 ? 177 HOH A O   1 
HETATM 612 O O   . HOH B 2 .  ? 14.093  1.690   4.134   1.00 68.83 ? 178 HOH A O   1 
HETATM 613 O O   . HOH B 2 .  ? 16.019  -3.304  -4.489  1.00 53.06 ? 179 HOH A O   1 
HETATM 614 O O   . HOH B 2 .  ? -11.170 9.552   -13.351 1.00 60.47 ? 180 HOH A O   1 
HETATM 615 O O   . HOH B 2 .  ? -0.407  -11.935 -6.012  1.00 57.02 ? 181 HOH A O   1 
HETATM 616 O O   . HOH B 2 .  ? 7.401   -8.649  -2.593  1.00 58.20 ? 182 HOH A O   1 
HETATM 617 O O   . HOH B 2 .  ? -14.473 -4.144  -4.818  1.00 69.55 ? 183 HOH A O   1 
HETATM 618 O O   . HOH B 2 .  ? -13.653 4.365   3.787   1.00 57.15 ? 184 HOH A O   1 
HETATM 619 O O   . HOH B 2 .  ? -11.696 -3.145  -9.618  1.00 64.26 ? 185 HOH A O   1 
HETATM 620 O O   . HOH B 2 .  ? 17.930  3.914   7.080   1.00 67.02 ? 186 HOH A O   1 
HETATM 621 O O   . HOH B 2 .  ? -12.402 8.860   -0.823  1.00 58.96 ? 187 HOH A O   1 
HETATM 622 O O   . HOH B 2 .  ? 9.575   -10.663 1.154   1.00 66.71 ? 188 HOH A O   1 
HETATM 623 O O   . HOH B 2 .  ? 2.024   -10.786 7.433   1.00 63.73 ? 189 HOH A O   1 
HETATM 624 O O   . HOH B 2 .  ? -20.362 0.632   -14.415 1.00 77.70 ? 190 HOH A O   1 
HETATM 625 O O   . HOH B 2 .  ? -6.598  12.933  3.617   1.00 63.87 ? 191 HOH A O   1 
HETATM 626 O O   . HOH B 2 .  ? -9.817  -10.402 6.820   1.00 65.48 ? 192 HOH A O   1 
HETATM 627 O O   . HOH B 2 .  ? 9.508   -13.406 1.982   1.00 63.31 ? 193 HOH A O   1 
HETATM 628 O O   . HOH B 2 .  ? 14.564  5.742   -6.928  1.00 68.53 ? 194 HOH A O   1 
HETATM 629 O O   . HOH B 2 .  ? 12.073  -8.207  1.417   1.00 58.71 ? 195 HOH A O   1 
HETATM 630 O O   . HOH B 2 .  ? 18.227  3.707   -0.836  1.00 48.43 ? 196 HOH A O   1 
HETATM 631 O O   . HOH B 2 .  ? -4.858  -18.919 6.354   1.00 62.39 ? 197 HOH A O   1 
HETATM 632 O O   . HOH B 2 .  ? -2.891  11.865  -0.255  1.00 59.91 ? 198 HOH A O   1 
HETATM 633 O O   . HOH B 2 .  ? -17.134 -0.591  -9.030  1.00 69.52 ? 199 HOH A O   1 
HETATM 634 O O   . HOH B 2 .  ? -3.961  12.822  -13.389 1.00 57.51 ? 200 HOH A O   1 
HETATM 635 O O   . HOH B 2 .  ? -6.784  -3.114  -9.956  1.00 53.99 ? 201 HOH A O   1 
HETATM 636 O O   . HOH B 2 .  ? 15.384  -4.510  10.286  1.00 61.57 ? 202 HOH A O   1 
HETATM 637 O O   . HOH B 2 .  ? -8.894  -3.164  -7.338  1.00 65.53 ? 203 HOH A O   1 
HETATM 638 O O   . HOH B 2 .  ? -1.211  -8.180  7.452   1.00 68.79 ? 204 HOH A O   1 
HETATM 639 O O   . HOH B 2 .  ? -7.333  -1.489  11.671  1.00 67.08 ? 205 HOH A O   1 
HETATM 640 O O   . HOH B 2 .  ? 11.816  2.234   9.114   1.00 60.68 ? 206 HOH A O   1 
HETATM 641 O O   . HOH B 2 .  ? 16.483  4.287   -6.042  1.00 72.06 ? 207 HOH A O   1 
HETATM 642 O O   . HOH B 2 .  ? -16.431 5.885   -0.149  1.00 65.83 ? 208 HOH A O   1 
HETATM 643 O O   . HOH B 2 .  ? 9.801   8.914   -3.096  1.00 68.94 ? 209 HOH A O   1 
HETATM 644 O O   . HOH B 2 .  ? -0.810  -9.350  -6.346  1.00 78.61 ? 210 HOH A O   1 
HETATM 645 O O   . HOH B 2 .  ? -13.414 -4.393  4.276   1.00 66.70 ? 211 HOH A O   1 
HETATM 646 O O   . HOH B 2 .  ? -14.377 7.455   0.806   1.00 66.48 ? 212 HOH A O   1 
HETATM 647 O O   . HOH B 2 .  ? -7.232  -10.810 -1.763  1.00 66.49 ? 213 HOH A O   1 
HETATM 648 O O   . HOH B 2 .  ? -14.541 -7.262  -2.850  1.00 71.08 ? 214 HOH A O   1 
HETATM 649 O O   . HOH B 2 .  ? -9.537  -7.750  -4.184  1.00 68.97 ? 215 HOH A O   1 
HETATM 650 O O   . HOH B 2 .  ? -10.753 1.409   6.675   1.00 78.01 ? 216 HOH A O   1 
HETATM 651 O O   . HOH B 2 .  ? -16.744 -4.404  0.498   1.00 73.22 ? 217 HOH A O   1 
HETATM 652 O O   . HOH B 2 .  ? -10.894 -1.257  -5.182  1.00 62.08 ? 218 HOH A O   1 
HETATM 653 O O   . HOH B 2 .  ? 2.169   -12.311 -7.061  1.00 72.46 ? 219 HOH A O   1 
HETATM 654 O O   . HOH B 2 .  ? -5.838  6.953   -15.539 1.00 74.72 ? 220 HOH A O   1 
HETATM 655 O O   . HOH B 2 .  ? -11.143 -13.826 16.093  1.00 72.01 ? 221 HOH A O   1 
HETATM 656 O O   . HOH B 2 .  ? 14.068  7.072   0.186   1.00 78.74 ? 222 HOH A O   1 
HETATM 657 O O   . HOH B 2 .  ? 14.784  -1.238  4.967   1.00 63.69 ? 223 HOH A O   1 
HETATM 658 O O   . HOH B 2 .  ? -17.970 1.626   -7.066  1.00 67.19 ? 224 HOH A O   1 
HETATM 659 O O   . HOH B 2 .  ? -6.319  10.929  -11.974 1.00 62.82 ? 225 HOH A O   1 
HETATM 660 O O   . HOH B 2 .  ? 3.864   -9.816  5.688   1.00 63.77 ? 226 HOH A O   1 
HETATM 661 O O   . HOH B 2 .  ? 16.061  1.822   5.993   1.00 83.23 ? 227 HOH A O   1 
HETATM 662 O O   . HOH B 2 .  ? -9.256  11.613  0.181   1.00 65.59 ? 228 HOH A O   1 
HETATM 663 O O   . HOH B 2 .  ? -18.755 -4.404  3.273   1.00 67.53 ? 229 HOH A O   1 
HETATM 664 O O   . HOH B 2 .  ? -16.287 -1.167  2.582   1.00 81.05 ? 230 HOH A O   1 
HETATM 665 O O   . HOH B 2 .  ? 20.653  -3.260  -5.351  1.00 72.98 ? 231 HOH A O   1 
HETATM 666 O O   . HOH B 2 .  ? 4.048   9.050   2.316   1.00 65.38 ? 232 HOH A O   1 
HETATM 667 O O   . HOH B 2 .  ? -7.112  -16.259 7.102   1.00 68.97 ? 233 HOH A O   1 
HETATM 668 O O   . HOH B 2 .  ? 8.505   -14.996 7.279   1.00 84.91 ? 234 HOH A O   1 
HETATM 669 O O   . HOH B 2 .  ? 1.796   -15.572 1.616   1.00 86.54 ? 235 HOH A O   1 
HETATM 670 O O   . HOH B 2 .  ? 17.826  -3.459  10.976  1.00 82.18 ? 236 HOH A O   1 
HETATM 671 O O   . HOH B 2 .  ? -12.039 -6.464  -4.167  1.00 79.16 ? 237 HOH A O   1 
HETATM 672 O O   . HOH B 2 .  ? 19.895  1.909   -4.866  1.00 70.26 ? 238 HOH A O   1 
HETATM 673 O O   . HOH B 2 .  ? -12.822 1.562   2.605   1.00 83.78 ? 239 HOH A O   1 
HETATM 674 O O   . HOH B 2 .  ? 12.671  -2.302  8.888   1.00 52.77 ? 240 HOH A O   1 
HETATM 675 O O   . HOH B 2 .  ? -7.018  -14.393 -2.541  1.00 54.47 ? 241 HOH A O   1 
# 
